data_2JBF
#
_entry.id   2JBF
#
_cell.length_a   86.579
_cell.length_b   91.525
_cell.length_c   145.708
_cell.angle_alpha   90.00
_cell.angle_beta   90.00
_cell.angle_gamma   90.00
#
_symmetry.space_group_name_H-M   'P 21 21 21'
#
loop_
_entity.id
_entity.type
_entity.pdbx_description
1 polymer 'TLL2115 PROTEIN'
2 non-polymer 'OPEN FORM - PENICILLIN G'
3 non-polymer GLYCEROL
4 water water
#
_entity_poly.entity_id   1
_entity_poly.type   'polypeptide(L)'
_entity_poly.pdbx_seq_one_letter_code
;MPAPEAPTSTLPPERPLTNLQQQIQQLVSRQPNLTAGLYFFNLDSGASLNVGGDQVFPAASTIKFPILVAFFKAVDEGRV
TLQERLTMRPDLIAPEAGTLQYQKPNSQYAALEVAELMITISDNTATNMIIDRLGGAAELNQQFQEWGLENTVINNPEPD
MKGTNTTSPRDLATLMLKIGQGEILSPRSRDRLLDIMRRTVTNTLLPAGLGKGATIAHKTGDIGIVVGDAGMVDMPNGQR
YVAAMMVKRPYNDPRGSELIRQVSRMVYQAFEKLSPPEQKLISEEDLNSAVDHHHHHH
;
_entity_poly.pdbx_strand_id   A,B,C,D
#
loop_
_chem_comp.id
_chem_comp.type
_chem_comp.name
_chem_comp.formula
GOL non-polymer GLYCEROL 'C3 H8 O3'
PNM non-polymer 'OPEN FORM - PENICILLIN G' 'C16 H20 N2 O4 S'
#
# COMPACT_ATOMS: atom_id res chain seq x y z
N LEU A 11 43.21 -10.32 -9.54
CA LEU A 11 42.71 -10.31 -8.15
C LEU A 11 43.04 -11.64 -7.47
N PRO A 12 43.62 -11.60 -6.25
CA PRO A 12 44.07 -12.83 -5.60
C PRO A 12 42.91 -13.70 -5.12
N PRO A 13 43.17 -15.00 -4.93
CA PRO A 13 42.16 -15.96 -4.50
C PRO A 13 41.68 -15.73 -3.07
N GLU A 14 40.42 -16.04 -2.84
CA GLU A 14 39.81 -15.94 -1.51
C GLU A 14 40.54 -16.89 -0.57
N ARG A 15 41.04 -16.35 0.55
CA ARG A 15 41.89 -17.09 1.47
C ARG A 15 41.46 -16.85 2.92
N PRO A 16 40.58 -17.71 3.46
CA PRO A 16 40.02 -17.43 4.79
C PRO A 16 41.08 -17.25 5.87
N LEU A 17 40.96 -16.19 6.69
CA LEU A 17 41.73 -16.09 7.91
C LEU A 17 40.96 -16.88 8.96
N THR A 18 41.27 -18.17 9.06
CA THR A 18 40.51 -19.08 9.89
C THR A 18 40.52 -18.69 11.37
N ASN A 19 41.69 -18.28 11.86
CA ASN A 19 41.81 -17.77 13.23
C ASN A 19 40.83 -16.66 13.55
N LEU A 20 40.91 -15.58 12.78
CA LEU A 20 40.14 -14.37 13.04
C LEU A 20 38.63 -14.62 12.85
N GLN A 21 38.26 -15.39 11.83
CA GLN A 21 36.86 -15.85 11.66
C GLN A 21 36.32 -16.51 12.95
N GLN A 22 37.09 -17.43 13.51
CA GLN A 22 36.68 -18.11 14.74
C GLN A 22 36.41 -17.15 15.90
N GLN A 23 37.30 -16.17 16.10
CA GLN A 23 37.12 -15.14 17.14
C GLN A 23 35.85 -14.31 16.93
N ILE A 24 35.56 -13.98 15.68
CA ILE A 24 34.38 -13.21 15.34
C ILE A 24 33.11 -14.04 15.60
N GLN A 25 33.11 -15.31 15.19
CA GLN A 25 31.99 -16.23 15.50
C GLN A 25 31.77 -16.43 16.99
N GLN A 26 32.85 -16.52 17.74
CA GLN A 26 32.75 -16.64 19.18
C GLN A 26 32.12 -15.36 19.73
N LEU A 27 32.53 -14.22 19.19
CA LEU A 27 32.00 -12.92 19.60
C LEU A 27 30.52 -12.66 19.30
N VAL A 28 30.01 -13.25 18.18
CA VAL A 28 28.59 -12.98 17.83
C VAL A 28 27.70 -13.96 18.60
N SER A 29 28.17 -15.19 18.75
CA SER A 29 27.33 -16.26 19.21
C SER A 29 27.13 -16.27 20.73
N ARG A 30 27.80 -15.38 21.45
CA ARG A 30 27.60 -15.21 22.88
C ARG A 30 26.60 -14.09 23.22
N GLN A 31 26.01 -13.54 22.16
CA GLN A 31 25.03 -12.47 22.26
C GLN A 31 23.64 -13.05 22.00
N PRO A 32 22.78 -13.18 23.05
CA PRO A 32 21.57 -13.98 22.81
C PRO A 32 20.67 -13.43 21.68
N ASN A 33 20.11 -12.24 21.88
CA ASN A 33 19.02 -11.74 21.06
C ASN A 33 19.48 -11.05 19.79
N LEU A 34 20.72 -11.35 19.41
CA LEU A 34 21.35 -10.83 18.20
C LEU A 34 21.55 -11.95 17.19
N THR A 35 21.20 -11.70 15.92
CA THR A 35 21.51 -12.62 14.84
C THR A 35 22.38 -11.84 13.83
N ALA A 36 23.63 -12.26 13.64
CA ALA A 36 24.58 -11.51 12.80
C ALA A 36 24.99 -12.25 11.53
N GLY A 37 25.20 -11.49 10.46
CA GLY A 37 25.80 -12.02 9.25
C GLY A 37 26.81 -11.02 8.75
N LEU A 38 27.96 -11.52 8.31
CA LEU A 38 29.02 -10.63 7.82
C LEU A 38 29.93 -11.28 6.76
N TYR A 39 30.45 -10.44 5.86
CA TYR A 39 31.44 -10.86 4.84
C TYR A 39 32.48 -9.74 4.62
N PHE A 40 33.77 -10.09 4.73
CA PHE A 40 34.90 -9.19 4.46
C PHE A 40 35.89 -9.87 3.51
N PHE A 41 36.47 -9.07 2.61
CA PHE A 41 37.47 -9.57 1.67
C PHE A 41 38.59 -8.56 1.40
N ASN A 42 39.82 -8.96 1.65
CA ASN A 42 40.98 -8.09 1.37
C ASN A 42 41.45 -8.22 -0.10
N LEU A 43 41.45 -7.12 -0.85
CA LEU A 43 41.82 -7.15 -2.29
C LEU A 43 43.29 -7.42 -2.59
N ASP A 44 44.18 -7.13 -1.64
CA ASP A 44 45.61 -7.42 -1.81
C ASP A 44 45.99 -8.85 -1.42
N SER A 45 45.63 -9.28 -0.21
CA SER A 45 46.01 -10.60 0.30
C SER A 45 45.05 -11.72 -0.13
N GLY A 46 43.80 -11.34 -0.42
CA GLY A 46 42.74 -12.31 -0.60
C GLY A 46 42.18 -12.81 0.71
N ALA A 47 42.66 -12.25 1.83
CA ALA A 47 42.18 -12.64 3.16
C ALA A 47 40.69 -12.43 3.21
N SER A 48 39.95 -13.45 3.63
CA SER A 48 38.49 -13.35 3.70
C SER A 48 37.89 -13.77 5.05
N LEU A 49 36.73 -13.22 5.33
CA LEU A 49 35.97 -13.54 6.54
C LEU A 49 34.51 -13.69 6.18
N ASN A 50 33.94 -14.84 6.53
CA ASN A 50 32.53 -15.14 6.25
C ASN A 50 31.89 -15.77 7.48
N VAL A 51 31.10 -14.98 8.22
CA VAL A 51 30.36 -15.44 9.41
C VAL A 51 28.87 -15.12 9.23
N GLY A 52 28.14 -16.08 8.68
CA GLY A 52 26.73 -15.90 8.31
C GLY A 52 26.61 -14.91 7.15
N GLY A 53 27.68 -14.80 6.37
CA GLY A 53 27.76 -13.87 5.24
C GLY A 53 26.87 -14.19 4.06
N ASP A 54 26.46 -15.44 3.93
CA ASP A 54 25.55 -15.83 2.85
C ASP A 54 24.06 -15.86 3.25
N GLN A 55 23.74 -15.48 4.49
CA GLN A 55 22.36 -15.61 4.98
C GLN A 55 21.51 -14.40 4.60
N VAL A 56 20.21 -14.60 4.38
CA VAL A 56 19.33 -13.51 3.95
C VAL A 56 18.80 -12.68 5.14
N PHE A 57 18.77 -11.37 4.96
CA PHE A 57 18.36 -10.42 5.99
C PHE A 57 17.43 -9.39 5.40
N PRO A 58 16.56 -8.82 6.25
CA PRO A 58 15.93 -7.59 5.84
C PRO A 58 17.06 -6.62 5.51
N ALA A 59 16.94 -5.95 4.37
CA ALA A 59 17.98 -5.07 3.87
C ALA A 59 18.03 -3.76 4.60
N ALA A 60 16.87 -3.30 5.05
CA ALA A 60 16.70 -1.94 5.51
C ALA A 60 17.23 -1.02 4.39
N SER A 61 17.87 0.09 4.76
CA SER A 61 18.29 1.03 3.75
C SER A 61 19.54 0.65 3.00
N THR A 62 20.15 -0.48 3.33
CA THR A 62 21.34 -0.96 2.65
C THR A 62 21.08 -1.26 1.17
N ILE A 63 19.83 -1.56 0.84
CA ILE A 63 19.43 -1.84 -0.53
C ILE A 63 19.51 -0.60 -1.41
N LYS A 64 19.56 0.59 -0.82
CA LYS A 64 19.71 1.82 -1.59
C LYS A 64 21.05 1.87 -2.37
N PHE A 65 22.06 1.12 -1.93
CA PHE A 65 23.33 1.00 -2.67
C PHE A 65 23.12 0.28 -4.02
N PRO A 66 22.62 -0.96 -4.02
CA PRO A 66 22.25 -1.54 -5.33
C PRO A 66 21.34 -0.66 -6.21
N ILE A 67 20.38 0.05 -5.63
CA ILE A 67 19.49 0.92 -6.40
C ILE A 67 20.31 2.08 -7.03
N LEU A 68 21.27 2.64 -6.29
CA LEU A 68 22.16 3.67 -6.86
C LEU A 68 22.95 3.12 -8.04
N VAL A 69 23.45 1.88 -7.93
CA VAL A 69 24.16 1.26 -9.05
C VAL A 69 23.24 1.21 -10.28
N ALA A 70 21.99 0.82 -10.06
CA ALA A 70 20.99 0.72 -11.13
C ALA A 70 20.74 2.06 -11.78
N PHE A 71 20.66 3.10 -10.96
CA PHE A 71 20.54 4.47 -11.44
C PHE A 71 21.64 4.87 -12.38
N PHE A 72 22.88 4.66 -11.94
CA PHE A 72 23.99 5.03 -12.81
C PHE A 72 24.16 4.14 -14.05
N LYS A 73 23.79 2.88 -13.95
CA LYS A 73 23.70 2.02 -15.12
C LYS A 73 22.77 2.63 -16.16
N ALA A 74 21.57 3.04 -15.73
CA ALA A 74 20.63 3.74 -16.60
C ALA A 74 21.19 5.03 -17.20
N VAL A 75 21.93 5.80 -16.43
CA VAL A 75 22.57 7.00 -16.97
C VAL A 75 23.59 6.62 -18.05
N ASP A 76 24.45 5.64 -17.75
CA ASP A 76 25.43 5.10 -18.74
C ASP A 76 24.78 4.72 -20.06
N GLU A 77 23.60 4.13 -19.96
CA GLU A 77 22.89 3.55 -21.10
C GLU A 77 21.96 4.55 -21.81
N GLY A 78 21.94 5.79 -21.34
CA GLY A 78 21.18 6.88 -21.94
C GLY A 78 19.69 6.79 -21.69
N ARG A 79 19.28 5.92 -20.74
CA ARG A 79 17.86 5.72 -20.42
C ARG A 79 17.37 6.78 -19.43
N VAL A 80 18.28 7.29 -18.60
CA VAL A 80 18.05 8.35 -17.66
C VAL A 80 19.18 9.35 -17.82
N THR A 81 18.86 10.61 -17.58
CA THR A 81 19.77 11.73 -17.68
C THR A 81 19.97 12.30 -16.24
N LEU A 82 21.16 12.81 -15.93
CA LEU A 82 21.45 13.32 -14.57
C LEU A 82 20.59 14.57 -14.23
N GLN A 83 20.23 15.32 -15.27
CA GLN A 83 19.59 16.60 -15.12
C GLN A 83 18.08 16.54 -15.40
N GLU A 84 17.55 15.38 -15.76
CA GLU A 84 16.13 15.34 -16.04
C GLU A 84 15.35 15.48 -14.73
N ARG A 85 14.16 16.05 -14.84
CA ARG A 85 13.35 16.38 -13.69
C ARG A 85 12.44 15.23 -13.32
N LEU A 86 12.52 14.77 -12.07
CA LEU A 86 11.63 13.71 -11.56
C LEU A 86 10.57 14.34 -10.67
N THR A 87 9.35 13.83 -10.75
CA THR A 87 8.23 14.38 -9.96
C THR A 87 8.01 13.64 -8.66
N MET A 88 7.88 14.40 -7.57
CA MET A 88 7.57 13.81 -6.29
C MET A 88 6.06 13.64 -6.22
N ARG A 89 5.59 12.57 -6.82
CA ARG A 89 4.18 12.25 -6.85
C ARG A 89 3.73 11.83 -5.47
N PRO A 90 2.49 12.18 -5.10
CA PRO A 90 1.95 11.74 -3.83
C PRO A 90 2.23 10.26 -3.53
N ASP A 91 2.06 9.43 -4.54
CA ASP A 91 2.12 8.01 -4.32
C ASP A 91 3.52 7.52 -4.03
N LEU A 92 4.47 8.38 -4.27
CA LEU A 92 5.87 8.10 -3.97
C LEU A 92 6.36 8.72 -2.64
N ILE A 93 5.60 9.67 -2.09
CA ILE A 93 5.98 10.33 -0.81
C ILE A 93 5.90 9.33 0.34
N ALA A 94 6.94 9.35 1.17
CA ALA A 94 7.16 8.35 2.19
C ALA A 94 7.70 9.05 3.43
N PRO A 95 7.35 8.56 4.63
CA PRO A 95 7.82 9.07 5.90
C PRO A 95 9.24 8.61 6.27
N GLU A 96 9.61 8.78 7.54
CA GLU A 96 10.92 8.39 8.06
C GLU A 96 12.01 9.25 7.38
N ALA A 97 13.20 8.70 7.16
CA ALA A 97 14.35 9.51 6.73
C ALA A 97 14.07 10.22 5.41
N GLY A 98 14.50 11.48 5.35
CA GLY A 98 14.46 12.26 4.13
C GLY A 98 13.99 13.69 4.30
N THR A 99 14.34 14.53 3.34
CA THR A 99 13.93 15.92 3.30
C THR A 99 12.86 16.24 2.24
N LEU A 100 12.80 15.42 1.19
CA LEU A 100 11.88 15.66 0.05
C LEU A 100 10.43 15.67 0.50
N GLN A 101 10.11 14.84 1.49
CA GLN A 101 8.74 14.67 1.99
C GLN A 101 8.11 15.96 2.51
N TYR A 102 8.93 16.94 2.88
CA TYR A 102 8.43 18.25 3.34
C TYR A 102 8.18 19.27 2.24
N GLN A 103 8.51 18.90 1.02
CA GLN A 103 8.27 19.74 -0.14
C GLN A 103 6.86 19.47 -0.71
N LYS A 104 6.39 20.46 -1.49
CA LYS A 104 5.07 20.38 -2.14
C LYS A 104 4.92 19.13 -2.99
N PRO A 105 3.82 18.36 -2.80
CA PRO A 105 3.62 17.21 -3.69
C PRO A 105 3.57 17.63 -5.16
N ASN A 106 4.06 16.75 -6.02
CA ASN A 106 4.24 17.02 -7.45
C ASN A 106 5.30 18.10 -7.82
N SER A 107 6.10 18.55 -6.85
CA SER A 107 7.28 19.36 -7.18
C SER A 107 8.35 18.45 -7.82
N GLN A 108 9.29 19.06 -8.52
CA GLN A 108 10.26 18.25 -9.28
C GLN A 108 11.69 18.58 -8.94
N TYR A 109 12.55 17.58 -9.16
CA TYR A 109 13.96 17.57 -8.73
C TYR A 109 14.81 16.93 -9.81
N ALA A 110 16.01 17.48 -10.02
CA ALA A 110 17.02 16.85 -10.88
C ALA A 110 17.26 15.41 -10.44
N ALA A 111 17.29 14.50 -11.40
CA ALA A 111 17.47 13.08 -11.14
C ALA A 111 18.69 12.82 -10.23
N LEU A 112 19.83 13.43 -10.57
CA LEU A 112 21.06 13.21 -9.78
C LEU A 112 20.90 13.66 -8.32
N GLU A 113 20.27 14.81 -8.13
CA GLU A 113 20.01 15.34 -6.80
C GLU A 113 19.17 14.33 -5.95
N VAL A 114 18.19 13.71 -6.60
CA VAL A 114 17.32 12.73 -5.98
C VAL A 114 18.10 11.48 -5.60
N ALA A 115 18.93 11.01 -6.53
CA ALA A 115 19.76 9.84 -6.33
C ALA A 115 20.73 10.07 -5.18
N GLU A 116 21.35 11.25 -5.11
CA GLU A 116 22.24 11.59 -4.01
C GLU A 116 21.53 11.59 -2.67
N LEU A 117 20.36 12.21 -2.59
CA LEU A 117 19.59 12.22 -1.34
C LEU A 117 19.20 10.83 -0.85
N MET A 118 18.91 9.93 -1.77
CA MET A 118 18.62 8.56 -1.48
C MET A 118 19.70 7.91 -0.63
N ILE A 119 20.94 8.27 -0.95
CA ILE A 119 22.11 7.72 -0.28
C ILE A 119 22.60 8.54 0.88
N THR A 120 22.79 9.84 0.71
CA THR A 120 23.46 10.63 1.73
C THR A 120 22.68 10.69 3.04
N ILE A 121 21.36 10.84 2.92
CA ILE A 121 20.47 10.96 4.09
C ILE A 121 19.43 9.83 4.13
N SER A 122 19.55 8.90 3.19
CA SER A 122 18.70 7.70 3.13
C SER A 122 17.26 8.10 2.82
N ASP A 123 17.10 9.15 2.01
CA ASP A 123 15.76 9.71 1.77
C ASP A 123 14.85 8.63 1.13
N ASN A 124 13.78 8.26 1.85
CA ASN A 124 12.86 7.20 1.39
C ASN A 124 11.96 7.62 0.23
N THR A 125 11.55 8.89 0.22
CA THR A 125 10.80 9.45 -0.90
C THR A 125 11.66 9.41 -2.19
N ALA A 126 12.89 9.89 -2.05
CA ALA A 126 13.86 9.85 -3.13
C ALA A 126 14.03 8.43 -3.62
N THR A 127 14.09 7.46 -2.71
CA THR A 127 14.30 6.07 -3.10
C THR A 127 13.12 5.60 -3.95
N ASN A 128 11.91 5.89 -3.49
CA ASN A 128 10.72 5.53 -4.25
C ASN A 128 10.67 6.18 -5.63
N MET A 129 11.10 7.43 -5.71
CA MET A 129 11.18 8.14 -6.98
C MET A 129 12.15 7.44 -7.96
N ILE A 130 13.34 7.11 -7.47
CA ILE A 130 14.35 6.41 -8.30
C ILE A 130 13.83 5.03 -8.76
N ILE A 131 13.30 4.23 -7.83
CA ILE A 131 12.80 2.86 -8.14
C ILE A 131 11.75 2.88 -9.25
N ASP A 132 10.84 3.84 -9.12
CA ASP A 132 9.78 4.07 -10.09
C ASP A 132 10.34 4.53 -11.45
N ARG A 133 11.34 5.42 -11.43
CA ARG A 133 11.91 5.96 -12.65
C ARG A 133 12.68 4.88 -13.42
N LEU A 134 13.35 4.00 -12.68
CA LEU A 134 14.09 2.88 -13.26
C LEU A 134 13.22 1.68 -13.67
N GLY A 135 11.89 1.84 -13.65
CA GLY A 135 10.95 0.84 -14.18
C GLY A 135 10.27 -0.03 -13.15
N GLY A 136 10.47 0.27 -11.86
CA GLY A 136 9.87 -0.49 -10.79
C GLY A 136 10.71 -1.60 -10.21
N ALA A 137 10.20 -2.17 -9.11
CA ALA A 137 10.90 -3.17 -8.32
C ALA A 137 11.28 -4.43 -9.06
N ALA A 138 10.35 -4.95 -9.87
CA ALA A 138 10.65 -6.15 -10.63
C ALA A 138 11.84 -5.92 -11.57
N GLU A 139 11.79 -4.81 -12.31
CA GLU A 139 12.84 -4.45 -13.25
C GLU A 139 14.20 -4.42 -12.54
N LEU A 140 14.24 -3.76 -11.40
CA LEU A 140 15.44 -3.70 -10.55
C LEU A 140 15.84 -5.07 -10.06
N ASN A 141 14.88 -5.87 -9.60
CA ASN A 141 15.20 -7.21 -9.08
C ASN A 141 15.92 -8.10 -10.09
N GLN A 142 15.50 -7.97 -11.34
CA GLN A 142 16.10 -8.69 -12.46
C GLN A 142 17.57 -8.24 -12.63
N GLN A 143 17.78 -6.92 -12.62
CA GLN A 143 19.15 -6.34 -12.72
C GLN A 143 20.05 -6.84 -11.61
N PHE A 144 19.54 -6.87 -10.39
CA PHE A 144 20.28 -7.39 -9.24
C PHE A 144 20.70 -8.83 -9.45
N GLN A 145 19.78 -9.64 -9.95
CA GLN A 145 20.08 -11.03 -10.27
C GLN A 145 21.20 -11.12 -11.32
N GLU A 146 21.13 -10.26 -12.34
CA GLU A 146 22.14 -10.25 -13.42
C GLU A 146 23.55 -9.98 -12.87
N TRP A 147 23.64 -9.08 -11.91
CA TRP A 147 24.91 -8.75 -11.24
C TRP A 147 25.41 -9.82 -10.25
N GLY A 148 24.65 -10.89 -10.05
CA GLY A 148 25.03 -11.99 -9.15
C GLY A 148 24.54 -11.85 -7.72
N LEU A 149 23.62 -10.92 -7.48
CA LEU A 149 23.06 -10.68 -6.15
C LEU A 149 21.90 -11.63 -5.86
N GLU A 150 22.27 -12.81 -5.40
CA GLU A 150 21.34 -13.92 -5.22
C GLU A 150 20.13 -13.66 -4.32
N ASN A 151 20.31 -12.87 -3.27
CA ASN A 151 19.25 -12.66 -2.28
C ASN A 151 18.84 -11.21 -2.06
N THR A 152 19.13 -10.36 -3.03
CA THR A 152 18.80 -8.95 -2.94
C THR A 152 17.53 -8.67 -3.77
N VAL A 153 16.44 -8.35 -3.07
CA VAL A 153 15.07 -8.30 -3.62
C VAL A 153 14.21 -7.18 -3.02
N ILE A 154 13.63 -6.33 -3.88
CA ILE A 154 12.68 -5.31 -3.47
C ILE A 154 11.28 -5.89 -3.55
N ASN A 155 10.64 -5.96 -2.39
CA ASN A 155 9.28 -6.43 -2.29
C ASN A 155 8.30 -5.31 -2.03
N ASN A 156 8.76 -4.22 -1.41
CA ASN A 156 7.87 -3.15 -1.01
C ASN A 156 8.53 -1.78 -1.09
N PRO A 157 7.72 -0.72 -1.28
CA PRO A 157 8.30 0.60 -1.27
C PRO A 157 8.92 0.96 0.09
N GLU A 158 9.78 1.97 0.10
CA GLU A 158 10.41 2.41 1.34
C GLU A 158 9.43 3.31 2.09
N PRO A 159 9.62 3.46 3.42
CA PRO A 159 10.70 2.91 4.23
C PRO A 159 10.70 1.40 4.49
N ASP A 160 9.65 0.69 4.15
CA ASP A 160 9.60 -0.78 4.33
C ASP A 160 10.04 -1.16 5.74
N MET A 161 9.33 -0.62 6.71
CA MET A 161 9.69 -0.79 8.13
C MET A 161 9.47 -2.21 8.62
N LYS A 162 8.66 -2.97 7.89
CA LYS A 162 8.41 -4.37 8.20
C LYS A 162 9.58 -5.26 7.82
N GLY A 163 10.44 -4.76 6.93
CA GLY A 163 11.65 -5.47 6.54
C GLY A 163 11.46 -6.50 5.44
N THR A 164 10.55 -6.24 4.50
CA THR A 164 10.23 -7.22 3.43
C THR A 164 11.33 -7.25 2.35
N ASN A 165 11.99 -6.12 2.15
CA ASN A 165 13.12 -6.05 1.23
C ASN A 165 14.33 -6.81 1.82
N THR A 166 14.96 -7.61 0.98
CA THR A 166 15.98 -8.58 1.36
C THR A 166 17.34 -8.20 0.77
N THR A 167 18.41 -8.60 1.47
CA THR A 167 19.76 -8.71 0.88
C THR A 167 20.56 -9.69 1.71
N SER A 168 21.84 -9.82 1.39
CA SER A 168 22.81 -10.59 2.17
C SER A 168 24.15 -9.82 2.29
N PRO A 169 24.95 -10.12 3.33
CA PRO A 169 26.27 -9.46 3.41
C PRO A 169 27.18 -9.76 2.21
N ARG A 170 27.20 -11.01 1.79
CA ARG A 170 27.98 -11.35 0.59
C ARG A 170 27.53 -10.57 -0.64
N ASP A 171 26.22 -10.49 -0.87
CA ASP A 171 25.66 -9.69 -1.98
C ASP A 171 26.17 -8.27 -1.94
N LEU A 172 26.00 -7.59 -0.80
CA LEU A 172 26.42 -6.16 -0.69
C LEU A 172 27.92 -5.99 -0.92
N ALA A 173 28.73 -6.83 -0.26
CA ALA A 173 30.20 -6.75 -0.37
C ALA A 173 30.68 -7.09 -1.79
N THR A 174 30.06 -8.08 -2.40
CA THR A 174 30.44 -8.50 -3.72
C THR A 174 30.08 -7.43 -4.75
N LEU A 175 28.92 -6.81 -4.62
CA LEU A 175 28.58 -5.72 -5.54
C LEU A 175 29.62 -4.61 -5.39
N MET A 176 29.95 -4.25 -4.15
CA MET A 176 31.00 -3.26 -3.95
C MET A 176 32.37 -3.66 -4.51
N LEU A 177 32.74 -4.94 -4.38
CA LEU A 177 33.99 -5.43 -4.98
C LEU A 177 33.99 -5.14 -6.47
N LYS A 178 32.90 -5.52 -7.12
CA LYS A 178 32.75 -5.30 -8.54
C LYS A 178 32.88 -3.83 -8.95
N ILE A 179 32.11 -2.97 -8.30
CA ILE A 179 32.19 -1.53 -8.53
C ILE A 179 33.62 -1.00 -8.30
N GLY A 180 34.21 -1.38 -7.17
CA GLY A 180 35.60 -0.99 -6.88
C GLY A 180 36.63 -1.39 -7.91
N GLN A 181 36.42 -2.55 -8.53
CA GLN A 181 37.29 -3.07 -9.56
C GLN A 181 36.94 -2.56 -10.97
N GLY A 182 35.94 -1.68 -11.08
CA GLY A 182 35.60 -1.01 -12.32
C GLY A 182 34.63 -1.77 -13.20
N GLU A 183 33.96 -2.76 -12.61
CA GLU A 183 32.88 -3.43 -13.35
C GLU A 183 31.54 -2.71 -13.22
N ILE A 184 30.63 -3.11 -14.12
CA ILE A 184 29.22 -2.67 -14.16
C ILE A 184 28.98 -1.26 -14.65
N LEU A 185 29.61 -0.30 -13.99
CA LEU A 185 29.47 1.12 -14.29
C LEU A 185 30.66 1.66 -15.05
N SER A 186 30.41 2.70 -15.85
CA SER A 186 31.45 3.44 -16.51
C SER A 186 32.36 4.12 -15.47
N PRO A 187 33.58 4.46 -15.88
CA PRO A 187 34.49 5.21 -14.95
C PRO A 187 33.82 6.49 -14.35
N ARG A 188 33.12 7.27 -15.16
CA ARG A 188 32.51 8.52 -14.68
C ARG A 188 31.40 8.24 -13.64
N SER A 189 30.57 7.25 -13.93
CA SER A 189 29.47 6.88 -13.03
C SER A 189 30.02 6.23 -11.74
N ARG A 190 30.99 5.35 -11.86
CA ARG A 190 31.64 4.76 -10.70
C ARG A 190 32.14 5.83 -9.72
N ASP A 191 32.87 6.81 -10.25
CA ASP A 191 33.50 7.79 -9.37
C ASP A 191 32.48 8.69 -8.69
N ARG A 192 31.42 9.03 -9.43
CA ARG A 192 30.26 9.74 -8.88
C ARG A 192 29.61 8.97 -7.73
N LEU A 193 29.42 7.67 -7.95
CA LEU A 193 28.80 6.81 -6.97
C LEU A 193 29.67 6.75 -5.72
N LEU A 194 30.96 6.53 -5.88
CA LEU A 194 31.83 6.45 -4.68
C LEU A 194 31.87 7.79 -3.90
N ASP A 195 31.94 8.91 -4.62
CA ASP A 195 31.89 10.23 -3.99
C ASP A 195 30.62 10.39 -3.13
N ILE A 196 29.46 10.05 -3.69
CA ILE A 196 28.19 10.12 -2.96
C ILE A 196 28.24 9.25 -1.72
N MET A 197 28.79 8.05 -1.87
CA MET A 197 28.81 7.08 -0.80
C MET A 197 29.85 7.38 0.29
N ARG A 198 30.70 8.38 0.06
CA ARG A 198 31.60 8.91 1.09
C ARG A 198 31.02 10.11 1.83
N ARG A 199 29.85 10.58 1.41
CA ARG A 199 29.19 11.76 1.99
C ARG A 199 27.86 11.46 2.66
N THR A 200 27.67 10.23 3.12
CA THR A 200 26.54 9.87 3.96
C THR A 200 26.71 10.46 5.36
N VAL A 201 25.56 10.66 6.02
CA VAL A 201 25.49 11.34 7.30
C VAL A 201 25.46 10.35 8.49
N THR A 202 25.44 9.06 8.20
CA THR A 202 25.42 8.02 9.26
C THR A 202 26.69 7.15 9.23
N ASN A 203 27.61 7.44 10.15
CA ASN A 203 28.98 6.85 10.15
C ASN A 203 29.34 6.21 11.48
N THR A 204 28.27 5.78 12.11
CA THR A 204 28.22 5.21 13.43
C THR A 204 28.48 3.69 13.46
N LEU A 205 28.53 3.04 12.30
CA LEU A 205 28.68 1.57 12.26
C LEU A 205 30.10 1.20 11.75
N LEU A 206 30.26 0.79 10.50
CA LEU A 206 31.60 0.40 10.03
C LEU A 206 32.69 1.46 10.20
N PRO A 207 32.40 2.71 9.86
CA PRO A 207 33.45 3.75 9.95
C PRO A 207 33.98 3.94 11.36
N ALA A 208 33.13 3.68 12.37
CA ALA A 208 33.46 3.84 13.79
C ALA A 208 34.54 2.89 14.26
N GLY A 209 34.81 1.82 13.52
CA GLY A 209 35.86 0.90 13.88
C GLY A 209 37.15 1.01 13.10
N LEU A 210 37.23 1.99 12.21
CA LEU A 210 38.42 2.19 11.38
C LEU A 210 39.44 3.12 12.04
N GLY A 211 40.69 2.88 11.69
CA GLY A 211 41.79 3.64 12.22
C GLY A 211 41.90 4.99 11.57
N LYS A 212 42.80 5.81 12.11
CA LYS A 212 42.95 7.18 11.64
C LYS A 212 43.43 7.17 10.20
N GLY A 213 42.78 7.97 9.36
CA GLY A 213 43.19 8.16 7.95
C GLY A 213 42.56 7.20 6.95
N ALA A 214 41.81 6.24 7.46
CA ALA A 214 41.09 5.29 6.61
C ALA A 214 39.94 6.07 5.97
N THR A 215 39.58 5.72 4.74
CA THR A 215 38.36 6.20 4.12
C THR A 215 37.37 5.07 3.82
N ILE A 216 36.10 5.40 3.74
CA ILE A 216 35.09 4.39 3.47
C ILE A 216 33.92 4.97 2.66
N ALA A 217 33.63 4.32 1.55
CA ALA A 217 32.38 4.52 0.80
C ALA A 217 31.41 3.41 1.26
N HIS A 218 30.26 3.80 1.78
CA HIS A 218 29.33 2.81 2.37
C HIS A 218 27.86 3.30 2.44
N LYS A 219 26.98 2.42 2.85
CA LYS A 219 25.56 2.76 3.06
C LYS A 219 25.03 1.92 4.20
N THR A 220 24.52 2.62 5.19
CA THR A 220 23.98 1.96 6.40
C THR A 220 22.50 1.63 6.20
N GLY A 221 21.97 0.80 7.07
CA GLY A 221 20.53 0.56 7.13
C GLY A 221 20.12 0.27 8.55
N ASP A 222 18.95 0.79 8.93
CA ASP A 222 18.42 0.63 10.29
C ASP A 222 16.90 0.74 10.20
N ILE A 223 16.22 -0.34 10.57
CA ILE A 223 14.76 -0.35 10.71
C ILE A 223 14.39 -0.74 12.13
N GLY A 224 15.30 -0.51 13.08
CA GLY A 224 15.02 -0.80 14.49
C GLY A 224 15.22 -2.26 14.82
N ILE A 225 14.45 -3.12 14.14
CA ILE A 225 14.62 -4.57 14.24
C ILE A 225 15.83 -5.15 13.47
N VAL A 226 16.50 -4.34 12.65
CA VAL A 226 17.68 -4.79 11.91
C VAL A 226 18.57 -3.58 11.70
N VAL A 227 19.88 -3.76 11.90
CA VAL A 227 20.92 -2.72 11.68
C VAL A 227 22.06 -3.31 10.85
N GLY A 228 22.58 -2.52 9.91
CA GLY A 228 23.67 -2.98 9.06
C GLY A 228 24.37 -1.88 8.26
N ASP A 229 25.46 -2.27 7.63
CA ASP A 229 26.32 -1.30 6.89
C ASP A 229 27.14 -2.11 5.89
N ALA A 230 27.42 -1.53 4.73
CA ALA A 230 28.32 -2.19 3.77
C ALA A 230 29.09 -1.19 2.98
N GLY A 231 30.34 -1.51 2.68
CA GLY A 231 31.11 -0.68 1.80
C GLY A 231 32.52 -1.11 1.50
N MET A 232 33.33 -0.13 1.09
CA MET A 232 34.70 -0.35 0.69
C MET A 232 35.58 0.54 1.52
N VAL A 233 36.61 -0.05 2.12
CA VAL A 233 37.56 0.65 2.98
C VAL A 233 38.97 0.68 2.35
N ASP A 234 39.52 1.89 2.32
CA ASP A 234 40.90 2.14 1.97
C ASP A 234 41.62 2.50 3.23
N MET A 235 42.70 1.76 3.45
CA MET A 235 43.52 1.95 4.62
C MET A 235 44.74 2.81 4.26
N PRO A 236 45.26 3.58 5.23
CA PRO A 236 46.49 4.37 5.01
C PRO A 236 47.70 3.56 4.54
N ASN A 237 47.79 2.27 4.89
CA ASN A 237 48.89 1.38 4.45
C ASN A 237 48.84 0.97 2.98
N GLY A 238 47.73 1.28 2.33
CA GLY A 238 47.56 0.98 0.90
C GLY A 238 46.54 -0.10 0.63
N GLN A 239 46.21 -0.91 1.65
CA GLN A 239 45.29 -2.01 1.41
C GLN A 239 43.85 -1.53 1.21
N ARG A 240 43.08 -2.35 0.51
CA ARG A 240 41.69 -2.12 0.32
C ARG A 240 40.93 -3.40 0.66
N TYR A 241 39.78 -3.25 1.32
CA TYR A 241 38.88 -4.37 1.53
C TYR A 241 37.43 -3.96 1.44
N VAL A 242 36.58 -4.93 1.12
CA VAL A 242 35.14 -4.72 1.12
C VAL A 242 34.62 -5.38 2.39
N ALA A 243 33.50 -4.86 2.86
CA ALA A 243 32.94 -5.17 4.20
C ALA A 243 31.42 -5.05 4.16
N ALA A 244 30.73 -6.00 4.79
CA ALA A 244 29.27 -5.96 4.92
C ALA A 244 28.88 -6.73 6.18
N MET A 245 28.02 -6.14 6.99
CA MET A 245 27.52 -6.80 8.20
C MET A 245 26.10 -6.38 8.47
N MET A 246 25.23 -7.35 8.79
CA MET A 246 23.84 -7.10 9.14
C MET A 246 23.58 -7.83 10.47
N VAL A 247 22.81 -7.20 11.37
CA VAL A 247 22.47 -7.76 12.69
C VAL A 247 20.99 -7.59 12.97
N LYS A 248 20.28 -8.69 13.21
CA LYS A 248 18.91 -8.66 13.70
C LYS A 248 18.97 -8.37 15.20
N ARG A 249 18.12 -7.47 15.69
CA ARG A 249 18.13 -7.09 17.11
C ARG A 249 16.74 -6.77 17.67
N PRO A 250 16.61 -6.71 19.01
CA PRO A 250 15.37 -6.16 19.56
C PRO A 250 15.28 -4.67 19.22
N TYR A 251 14.07 -4.14 19.09
CA TYR A 251 13.88 -2.79 18.53
C TYR A 251 14.86 -1.77 19.14
N ASN A 252 15.75 -1.25 18.30
CA ASN A 252 16.73 -0.23 18.65
C ASN A 252 17.75 -0.61 19.74
N ASP A 253 18.01 -1.92 19.89
CA ASP A 253 19.01 -2.41 20.85
C ASP A 253 20.42 -1.90 20.51
N PRO A 254 20.99 -1.04 21.38
CA PRO A 254 22.31 -0.46 21.10
C PRO A 254 23.45 -1.48 21.02
N ARG A 255 23.23 -2.68 21.57
CA ARG A 255 24.19 -3.77 21.44
C ARG A 255 24.37 -4.22 19.98
N GLY A 256 23.32 -4.12 19.18
CA GLY A 256 23.41 -4.48 17.76
C GLY A 256 24.36 -3.59 17.00
N SER A 257 24.23 -2.27 17.19
CA SER A 257 25.12 -1.33 16.52
C SER A 257 26.56 -1.41 17.07
N GLU A 258 26.71 -1.54 18.38
CA GLU A 258 28.02 -1.80 18.99
C GLU A 258 28.74 -3.07 18.46
N LEU A 259 28.00 -4.15 18.13
CA LEU A 259 28.64 -5.36 17.62
C LEU A 259 29.27 -5.11 16.25
N ILE A 260 28.66 -4.23 15.47
CA ILE A 260 29.19 -3.91 14.15
C ILE A 260 30.48 -3.13 14.30
N ARG A 261 30.53 -2.17 15.20
CA ARG A 261 31.75 -1.44 15.50
C ARG A 261 32.84 -2.41 15.86
N GLN A 262 32.51 -3.29 16.78
CA GLN A 262 33.49 -4.18 17.32
C GLN A 262 34.09 -5.09 16.29
N VAL A 263 33.26 -5.63 15.41
CA VAL A 263 33.76 -6.50 14.35
C VAL A 263 34.53 -5.63 13.34
N SER A 264 34.05 -4.41 13.07
CA SER A 264 34.77 -3.53 12.15
C SER A 264 36.19 -3.30 12.66
N ARG A 265 36.31 -3.06 13.98
CA ARG A 265 37.57 -2.75 14.62
C ARG A 265 38.51 -3.95 14.56
N MET A 266 37.98 -5.11 14.91
CA MET A 266 38.73 -6.38 14.86
C MET A 266 39.35 -6.64 13.50
N VAL A 267 38.56 -6.48 12.44
CA VAL A 267 39.03 -6.75 11.09
C VAL A 267 40.05 -5.70 10.65
N TYR A 268 39.79 -4.44 10.97
CA TYR A 268 40.70 -3.35 10.59
C TYR A 268 42.08 -3.55 11.21
N GLN A 269 42.11 -3.88 12.49
CA GLN A 269 43.37 -4.09 13.21
C GLN A 269 44.14 -5.33 12.73
N ALA A 270 43.42 -6.38 12.34
CA ALA A 270 44.05 -7.59 11.80
C ALA A 270 44.77 -7.29 10.49
N PHE A 271 44.14 -6.46 9.65
CA PHE A 271 44.74 -6.05 8.39
C PHE A 271 45.84 -5.01 8.54
N GLU A 272 45.86 -4.30 9.67
CA GLU A 272 47.02 -3.45 9.99
C GLU A 272 48.22 -4.33 10.28
N LYS A 273 48.03 -5.35 11.11
CA LYS A 273 49.12 -6.24 11.57
C LYS A 273 49.73 -7.08 10.45
N LEU A 274 48.92 -7.43 9.46
CA LEU A 274 49.36 -8.21 8.30
C LEU A 274 49.58 -7.26 7.12
N THR B 10 14.05 -42.75 -31.87
CA THR B 10 12.74 -42.50 -32.57
C THR B 10 11.70 -41.90 -31.63
N LEU B 11 11.19 -40.72 -31.99
CA LEU B 11 10.21 -39.96 -31.16
C LEU B 11 8.82 -40.56 -31.19
N PRO B 12 8.11 -40.50 -30.04
CA PRO B 12 6.71 -40.89 -30.01
C PRO B 12 5.79 -39.88 -30.70
N PRO B 13 4.60 -40.31 -31.15
CA PRO B 13 3.67 -39.40 -31.81
C PRO B 13 3.12 -38.33 -30.87
N GLU B 14 2.72 -37.18 -31.40
CA GLU B 14 2.00 -36.20 -30.56
C GLU B 14 0.76 -36.82 -29.96
N ARG B 15 0.59 -36.62 -28.65
CA ARG B 15 -0.60 -37.05 -27.93
C ARG B 15 -1.16 -35.92 -27.09
N PRO B 16 -2.03 -35.09 -27.68
CA PRO B 16 -2.55 -33.90 -27.00
C PRO B 16 -3.12 -34.18 -25.61
N LEU B 17 -2.76 -33.35 -24.64
CA LEU B 17 -3.37 -33.37 -23.30
C LEU B 17 -4.64 -32.52 -23.38
N THR B 18 -5.75 -33.14 -23.74
CA THR B 18 -6.89 -32.37 -24.20
C THR B 18 -7.57 -31.53 -23.13
N ASN B 19 -7.65 -32.03 -21.89
CA ASN B 19 -8.27 -31.25 -20.83
C ASN B 19 -7.42 -30.03 -20.50
N LEU B 20 -6.12 -30.22 -20.36
CA LEU B 20 -5.23 -29.12 -20.01
C LEU B 20 -5.19 -28.10 -21.14
N GLN B 21 -5.20 -28.60 -22.38
CA GLN B 21 -5.20 -27.72 -23.54
C GLN B 21 -6.42 -26.82 -23.61
N GLN B 22 -7.58 -27.38 -23.23
CA GLN B 22 -8.81 -26.61 -23.07
C GLN B 22 -8.68 -25.51 -22.01
N GLN B 23 -8.10 -25.87 -20.86
CA GLN B 23 -7.85 -24.93 -19.77
C GLN B 23 -6.94 -23.81 -20.26
N ILE B 24 -5.88 -24.20 -20.97
CA ILE B 24 -4.93 -23.22 -21.48
C ILE B 24 -5.60 -22.32 -22.53
N GLN B 25 -6.28 -22.93 -23.49
CA GLN B 25 -7.05 -22.21 -24.50
C GLN B 25 -8.05 -21.21 -23.87
N GLN B 26 -8.74 -21.62 -22.81
CA GLN B 26 -9.67 -20.72 -22.12
C GLN B 26 -8.93 -19.60 -21.36
N LEU B 27 -7.82 -19.96 -20.69
CA LEU B 27 -6.98 -18.99 -19.96
C LEU B 27 -6.56 -17.84 -20.85
N VAL B 28 -6.11 -18.19 -22.04
CA VAL B 28 -5.61 -17.22 -23.01
C VAL B 28 -6.76 -16.38 -23.59
N SER B 29 -7.90 -17.02 -23.78
CA SER B 29 -9.07 -16.36 -24.38
C SER B 29 -9.71 -15.30 -23.50
N ARG B 30 -9.51 -15.38 -22.18
CA ARG B 30 -10.10 -14.40 -21.26
C ARG B 30 -9.18 -13.22 -20.92
N GLN B 31 -8.05 -13.15 -21.62
CA GLN B 31 -7.25 -11.94 -21.70
C GLN B 31 -7.45 -11.41 -23.12
N PRO B 32 -8.30 -10.37 -23.28
CA PRO B 32 -8.61 -9.82 -24.61
C PRO B 32 -7.43 -9.18 -25.35
N ASN B 33 -6.65 -8.37 -24.64
CA ASN B 33 -5.64 -7.56 -25.29
C ASN B 33 -4.37 -8.37 -25.61
N LEU B 34 -4.36 -9.67 -25.27
CA LEU B 34 -3.24 -10.58 -25.49
C LEU B 34 -3.58 -11.61 -26.56
N THR B 35 -2.65 -11.85 -27.50
CA THR B 35 -2.73 -13.02 -28.36
C THR B 35 -1.51 -13.94 -28.18
N ALA B 36 -1.78 -15.18 -27.82
CA ALA B 36 -0.74 -16.15 -27.46
C ALA B 36 -0.65 -17.30 -28.46
N GLY B 37 0.58 -17.79 -28.64
CA GLY B 37 0.86 -18.97 -29.44
C GLY B 37 1.78 -19.84 -28.61
N LEU B 38 1.49 -21.12 -28.55
CA LEU B 38 2.35 -22.03 -27.74
C LEU B 38 2.39 -23.44 -28.30
N TYR B 39 3.54 -24.08 -28.11
CA TYR B 39 3.74 -25.48 -28.46
C TYR B 39 4.63 -26.17 -27.41
N PHE B 40 4.18 -27.31 -26.88
CA PHE B 40 4.94 -28.10 -25.92
C PHE B 40 4.88 -29.56 -26.36
N PHE B 41 5.98 -30.29 -26.21
CA PHE B 41 6.03 -31.67 -26.62
C PHE B 41 7.00 -32.44 -25.71
N ASN B 42 6.48 -33.51 -25.11
CA ASN B 42 7.26 -34.37 -24.22
C ASN B 42 7.90 -35.46 -25.07
N LEU B 43 9.23 -35.57 -25.01
CA LEU B 43 9.98 -36.52 -25.89
C LEU B 43 9.80 -37.98 -25.47
N ASP B 44 9.42 -38.19 -24.21
CA ASP B 44 9.23 -39.51 -23.65
C ASP B 44 7.82 -40.05 -23.80
N SER B 45 6.83 -39.25 -23.42
CA SER B 45 5.47 -39.69 -23.45
C SER B 45 4.72 -39.33 -24.76
N GLY B 46 5.27 -38.38 -25.52
CA GLY B 46 4.57 -37.76 -26.65
C GLY B 46 3.51 -36.73 -26.30
N ALA B 47 3.23 -36.54 -25.01
CA ALA B 47 2.21 -35.58 -24.59
C ALA B 47 2.47 -34.19 -25.20
N SER B 48 1.40 -33.54 -25.68
CA SER B 48 1.62 -32.31 -26.43
C SER B 48 0.53 -31.29 -26.08
N LEU B 49 0.89 -30.00 -26.15
CA LEU B 49 -0.05 -28.88 -26.12
C LEU B 49 0.24 -28.00 -27.34
N ASN B 50 -0.80 -27.58 -28.03
CA ASN B 50 -0.67 -26.72 -29.19
C ASN B 50 -1.87 -25.79 -29.24
N VAL B 51 -1.66 -24.54 -28.83
CA VAL B 51 -2.65 -23.48 -28.87
C VAL B 51 -2.01 -22.29 -29.62
N GLY B 52 -2.29 -22.19 -30.91
CA GLY B 52 -1.66 -21.19 -31.75
C GLY B 52 -0.18 -21.44 -31.97
N GLY B 53 0.27 -22.68 -31.80
CA GLY B 53 1.69 -23.00 -31.91
C GLY B 53 2.25 -22.82 -33.31
N ASP B 54 1.38 -22.91 -34.32
CA ASP B 54 1.79 -22.77 -35.73
C ASP B 54 1.58 -21.38 -36.30
N GLN B 55 1.13 -20.45 -35.48
CA GLN B 55 0.95 -19.06 -35.92
C GLN B 55 2.32 -18.37 -35.93
N VAL B 56 2.47 -17.39 -36.82
CA VAL B 56 3.66 -16.57 -36.92
C VAL B 56 3.56 -15.40 -35.97
N PHE B 57 4.70 -15.10 -35.35
CA PHE B 57 4.83 -13.99 -34.42
C PHE B 57 6.09 -13.20 -34.78
N PRO B 58 6.11 -11.90 -34.41
CA PRO B 58 7.41 -11.23 -34.26
C PRO B 58 8.25 -12.06 -33.32
N ALA B 59 9.49 -12.38 -33.73
CA ALA B 59 10.35 -13.28 -32.90
C ALA B 59 10.98 -12.54 -31.73
N ALA B 60 11.12 -11.22 -31.84
CA ALA B 60 11.96 -10.54 -30.85
C ALA B 60 13.29 -11.32 -30.72
N SER B 61 13.92 -11.28 -29.56
CA SER B 61 15.23 -11.94 -29.41
C SER B 61 15.27 -13.45 -29.50
N THR B 62 14.09 -14.08 -29.64
CA THR B 62 14.09 -15.52 -29.72
C THR B 62 14.83 -16.06 -30.95
N ILE B 63 14.92 -15.28 -32.00
CA ILE B 63 15.56 -15.71 -33.24
C ILE B 63 17.10 -15.85 -33.05
N LYS B 64 17.60 -15.28 -31.97
CA LYS B 64 19.02 -15.48 -31.62
C LYS B 64 19.40 -16.97 -31.41
N PHE B 65 18.42 -17.79 -31.03
CA PHE B 65 18.66 -19.23 -30.89
C PHE B 65 18.98 -19.87 -32.28
N PRO B 66 18.08 -19.79 -33.26
CA PRO B 66 18.43 -20.24 -34.62
C PRO B 66 19.77 -19.63 -35.14
N ILE B 67 20.10 -18.40 -34.77
CA ILE B 67 21.38 -17.81 -35.22
C ILE B 67 22.54 -18.49 -34.59
N LEU B 68 22.40 -18.84 -33.30
CA LEU B 68 23.44 -19.61 -32.59
C LEU B 68 23.67 -20.97 -33.17
N VAL B 69 22.59 -21.70 -33.51
CA VAL B 69 22.76 -22.96 -34.26
C VAL B 69 23.57 -22.80 -35.53
N ALA B 70 23.26 -21.79 -36.29
CA ALA B 70 23.97 -21.52 -37.55
C ALA B 70 25.44 -21.19 -37.30
N PHE B 71 25.73 -20.45 -36.24
CA PHE B 71 27.12 -20.17 -35.84
C PHE B 71 27.87 -21.48 -35.55
N PHE B 72 27.29 -22.39 -34.78
CA PHE B 72 28.01 -23.62 -34.49
C PHE B 72 28.13 -24.56 -35.68
N LYS B 73 27.15 -24.49 -36.59
CA LYS B 73 27.26 -25.28 -37.80
C LYS B 73 28.48 -24.84 -38.60
N ALA B 74 28.67 -23.52 -38.71
CA ALA B 74 29.80 -22.93 -39.37
C ALA B 74 31.12 -23.36 -38.70
N VAL B 75 31.13 -23.45 -37.37
CA VAL B 75 32.28 -23.94 -36.61
C VAL B 75 32.56 -25.43 -36.90
N ASP B 76 31.53 -26.28 -36.82
CA ASP B 76 31.67 -27.67 -37.25
C ASP B 76 32.25 -27.86 -38.66
N GLU B 77 31.85 -26.99 -39.59
CA GLU B 77 32.24 -27.11 -41.00
C GLU B 77 33.56 -26.41 -41.31
N GLY B 78 34.19 -25.86 -40.28
CA GLY B 78 35.46 -25.19 -40.44
C GLY B 78 35.42 -23.83 -41.11
N ARG B 79 34.23 -23.23 -41.25
CA ARG B 79 34.11 -21.92 -41.89
C ARG B 79 34.34 -20.76 -40.93
N VAL B 80 34.19 -21.04 -39.64
CA VAL B 80 34.41 -20.14 -38.54
C VAL B 80 35.13 -20.94 -37.47
N THR B 81 36.00 -20.29 -36.71
CA THR B 81 36.59 -20.90 -35.54
C THR B 81 36.12 -20.17 -34.30
N LEU B 82 36.16 -20.85 -33.18
CA LEU B 82 35.75 -20.25 -31.93
C LEU B 82 36.67 -19.10 -31.48
N GLN B 83 37.95 -19.14 -31.89
CA GLN B 83 38.99 -18.25 -31.35
C GLN B 83 39.28 -17.06 -32.26
N GLU B 84 38.75 -17.10 -33.47
CA GLU B 84 39.01 -16.01 -34.40
C GLU B 84 38.45 -14.74 -33.86
N ARG B 85 39.11 -13.64 -34.22
CA ARG B 85 38.80 -12.35 -33.66
C ARG B 85 37.83 -11.65 -34.58
N LEU B 86 36.67 -11.26 -34.06
CA LEU B 86 35.70 -10.45 -34.78
C LEU B 86 35.81 -9.00 -34.35
N THR B 87 35.65 -8.12 -35.34
CA THR B 87 35.77 -6.69 -35.14
C THR B 87 34.42 -6.02 -34.97
N MET B 88 34.28 -5.23 -33.91
CA MET B 88 33.05 -4.50 -33.69
C MET B 88 33.12 -3.19 -34.50
N ARG B 89 32.83 -3.32 -35.79
CA ARG B 89 32.84 -2.18 -36.70
C ARG B 89 31.67 -1.26 -36.35
N PRO B 90 31.86 0.06 -36.55
CA PRO B 90 30.82 1.07 -36.31
C PRO B 90 29.47 0.68 -36.89
N ASP B 91 29.48 0.11 -38.10
CA ASP B 91 28.21 -0.23 -38.78
C ASP B 91 27.42 -1.38 -38.14
N LEU B 92 28.06 -2.14 -37.26
CA LEU B 92 27.42 -3.26 -36.58
C LEU B 92 26.87 -2.91 -35.20
N ILE B 93 27.27 -1.76 -34.69
CA ILE B 93 26.90 -1.30 -33.35
C ILE B 93 25.39 -0.97 -33.34
N ALA B 94 24.71 -1.49 -32.33
CA ALA B 94 23.26 -1.46 -32.21
C ALA B 94 22.90 -1.14 -30.75
N PRO B 95 21.76 -0.48 -30.54
CA PRO B 95 21.35 -0.19 -29.18
C PRO B 95 20.58 -1.27 -28.45
N GLU B 96 19.94 -0.86 -27.35
CA GLU B 96 19.14 -1.72 -26.49
C GLU B 96 20.05 -2.74 -25.79
N ALA B 97 19.63 -4.01 -25.71
CA ALA B 97 20.37 -5.01 -24.93
C ALA B 97 21.78 -5.19 -25.44
N GLY B 98 22.72 -5.37 -24.51
CA GLY B 98 24.09 -5.73 -24.87
C GLY B 98 25.12 -4.77 -24.29
N THR B 99 26.32 -5.29 -24.08
CA THR B 99 27.45 -4.58 -23.46
C THR B 99 28.49 -4.12 -24.52
N LEU B 100 28.55 -4.81 -25.64
CA LEU B 100 29.62 -4.51 -26.61
C LEU B 100 29.53 -3.06 -27.08
N GLN B 101 28.31 -2.56 -27.20
CA GLN B 101 28.14 -1.23 -27.74
C GLN B 101 28.79 -0.13 -26.95
N TYR B 102 29.21 -0.41 -25.69
CA TYR B 102 29.82 0.63 -24.86
C TYR B 102 31.34 0.47 -24.80
N GLN B 103 31.86 -0.44 -25.62
CA GLN B 103 33.30 -0.56 -25.80
C GLN B 103 33.74 0.34 -26.95
N LYS B 104 35.04 0.43 -27.17
CA LYS B 104 35.53 1.29 -28.24
C LYS B 104 35.18 0.72 -29.62
N PRO B 105 34.76 1.60 -30.59
CA PRO B 105 34.53 1.03 -31.93
C PRO B 105 35.80 0.34 -32.43
N ASN B 106 35.61 -0.74 -33.19
CA ASN B 106 36.67 -1.58 -33.79
C ASN B 106 37.49 -2.39 -32.81
N SER B 107 37.01 -2.43 -31.56
CA SER B 107 37.55 -3.40 -30.62
C SER B 107 37.20 -4.81 -31.14
N GLN B 108 38.01 -5.78 -30.74
CA GLN B 108 37.93 -7.17 -31.21
C GLN B 108 37.66 -8.16 -30.11
N TYR B 109 36.94 -9.22 -30.49
CA TYR B 109 36.42 -10.23 -29.52
C TYR B 109 36.52 -11.60 -30.18
N ALA B 110 36.81 -12.65 -29.39
CA ALA B 110 36.74 -14.00 -29.90
C ALA B 110 35.32 -14.31 -30.41
N ALA B 111 35.24 -15.00 -31.53
CA ALA B 111 33.96 -15.34 -32.14
C ALA B 111 33.02 -16.01 -31.11
N LEU B 112 33.56 -16.92 -30.32
CA LEU B 112 32.77 -17.62 -29.27
C LEU B 112 32.19 -16.64 -28.24
N GLU B 113 33.01 -15.69 -27.78
CA GLU B 113 32.59 -14.67 -26.82
C GLU B 113 31.41 -13.90 -27.39
N VAL B 114 31.53 -13.52 -28.65
CA VAL B 114 30.47 -12.78 -29.33
C VAL B 114 29.17 -13.58 -29.40
N ALA B 115 29.23 -14.81 -29.91
CA ALA B 115 28.08 -15.71 -29.99
C ALA B 115 27.45 -15.89 -28.59
N GLU B 116 28.30 -16.00 -27.56
CA GLU B 116 27.84 -16.20 -26.16
C GLU B 116 27.05 -14.99 -25.70
N LEU B 117 27.55 -13.77 -25.91
CA LEU B 117 26.82 -12.57 -25.47
C LEU B 117 25.49 -12.35 -26.19
N MET B 118 25.45 -12.74 -27.46
CA MET B 118 24.23 -12.75 -28.24
C MET B 118 23.10 -13.47 -27.50
N ILE B 119 23.45 -14.58 -26.86
CA ILE B 119 22.45 -15.37 -26.12
C ILE B 119 22.32 -15.00 -24.66
N THR B 120 23.42 -14.94 -23.93
CA THR B 120 23.34 -14.79 -22.49
C THR B 120 22.71 -13.46 -22.05
N ILE B 121 23.05 -12.37 -22.74
CA ILE B 121 22.50 -11.06 -22.43
C ILE B 121 21.75 -10.42 -23.60
N SER B 122 21.50 -11.21 -24.63
CA SER B 122 20.73 -10.84 -25.78
C SER B 122 21.41 -9.71 -26.54
N ASP B 123 22.74 -9.68 -26.54
CA ASP B 123 23.49 -8.49 -27.06
C ASP B 123 23.20 -8.26 -28.55
N ASN B 124 22.61 -7.10 -28.87
CA ASN B 124 22.20 -6.81 -30.23
C ASN B 124 23.38 -6.57 -31.20
N THR B 125 24.39 -5.86 -30.73
CA THR B 125 25.61 -5.67 -31.50
C THR B 125 26.29 -7.01 -31.79
N ALA B 126 26.41 -7.85 -30.76
CA ALA B 126 26.97 -9.18 -30.95
C ALA B 126 26.16 -9.95 -32.00
N THR B 127 24.83 -9.81 -31.96
CA THR B 127 24.01 -10.53 -32.91
C THR B 127 24.34 -10.07 -34.32
N ASN B 128 24.41 -8.74 -34.50
CA ASN B 128 24.69 -8.19 -35.80
C ASN B 128 26.05 -8.62 -36.32
N MET B 129 27.02 -8.74 -35.42
CA MET B 129 28.36 -9.19 -35.76
C MET B 129 28.36 -10.64 -36.22
N ILE B 130 27.58 -11.49 -35.55
CA ILE B 130 27.45 -12.90 -35.94
C ILE B 130 26.76 -13.06 -37.27
N ILE B 131 25.64 -12.36 -37.47
CA ILE B 131 24.89 -12.43 -38.72
C ILE B 131 25.80 -11.96 -39.88
N ASP B 132 26.49 -10.84 -39.67
CA ASP B 132 27.48 -10.38 -40.65
C ASP B 132 28.59 -11.41 -40.95
N ARG B 133 29.16 -12.01 -39.92
CA ARG B 133 30.22 -13.00 -40.14
C ARG B 133 29.74 -14.25 -40.88
N LEU B 134 28.51 -14.67 -40.59
CA LEU B 134 27.89 -15.80 -41.24
C LEU B 134 27.35 -15.53 -42.65
N GLY B 135 27.50 -14.32 -43.16
CA GLY B 135 27.22 -14.00 -44.56
C GLY B 135 25.95 -13.20 -44.78
N GLY B 136 25.36 -12.71 -43.71
CA GLY B 136 24.16 -11.89 -43.86
C GLY B 136 22.85 -12.62 -43.60
N ALA B 137 21.79 -11.83 -43.49
CA ALA B 137 20.45 -12.35 -43.24
C ALA B 137 19.96 -13.35 -44.26
N ALA B 138 20.16 -13.05 -45.54
CA ALA B 138 19.65 -13.90 -46.59
C ALA B 138 20.20 -15.32 -46.49
N GLU B 139 21.51 -15.42 -46.21
CA GLU B 139 22.18 -16.71 -46.11
C GLU B 139 21.58 -17.51 -44.94
N LEU B 140 21.32 -16.82 -43.83
CA LEU B 140 20.77 -17.48 -42.65
C LEU B 140 19.31 -17.85 -42.88
N ASN B 141 18.56 -16.98 -43.54
CA ASN B 141 17.16 -17.34 -43.86
C ASN B 141 17.05 -18.64 -44.69
N GLN B 142 17.97 -18.81 -45.66
CA GLN B 142 18.01 -20.03 -46.46
C GLN B 142 18.25 -21.25 -45.55
N GLN B 143 19.19 -21.11 -44.60
CA GLN B 143 19.50 -22.20 -43.67
C GLN B 143 18.31 -22.54 -42.80
N PHE B 144 17.58 -21.53 -42.34
CA PHE B 144 16.40 -21.77 -41.49
C PHE B 144 15.36 -22.56 -42.27
N GLN B 145 15.13 -22.21 -43.53
CA GLN B 145 14.21 -22.98 -44.37
C GLN B 145 14.73 -24.42 -44.56
N GLU B 146 16.03 -24.61 -44.78
CA GLU B 146 16.58 -25.97 -44.93
C GLU B 146 16.41 -26.85 -43.67
N TRP B 147 16.36 -26.23 -42.48
CA TRP B 147 16.05 -26.92 -41.23
C TRP B 147 14.55 -27.12 -41.02
N GLY B 148 13.72 -26.64 -41.95
CA GLY B 148 12.28 -26.80 -41.86
C GLY B 148 11.59 -25.77 -40.98
N LEU B 149 12.26 -24.65 -40.72
CA LEU B 149 11.70 -23.55 -39.95
C LEU B 149 11.00 -22.58 -40.91
N GLU B 150 9.78 -22.96 -41.24
CA GLU B 150 8.99 -22.31 -42.28
C GLU B 150 8.79 -20.80 -42.10
N ASN B 151 8.63 -20.37 -40.85
CA ASN B 151 8.21 -19.01 -40.52
C ASN B 151 9.27 -18.19 -39.78
N THR B 152 10.51 -18.64 -39.85
CA THR B 152 11.59 -18.03 -39.08
C THR B 152 12.44 -17.24 -40.08
N VAL B 153 12.37 -15.92 -40.01
CA VAL B 153 12.94 -15.05 -41.06
C VAL B 153 13.49 -13.79 -40.42
N ILE B 154 14.73 -13.43 -40.81
CA ILE B 154 15.37 -12.18 -40.41
C ILE B 154 15.13 -11.18 -41.55
N ASN B 155 14.39 -10.12 -41.24
CA ASN B 155 14.12 -9.06 -42.19
C ASN B 155 14.91 -7.81 -41.91
N ASN B 156 15.37 -7.65 -40.67
CA ASN B 156 16.11 -6.43 -40.27
C ASN B 156 17.16 -6.67 -39.21
N PRO B 157 18.18 -5.77 -39.13
CA PRO B 157 19.16 -5.93 -38.05
C PRO B 157 18.53 -5.80 -36.67
N GLU B 158 19.23 -6.34 -35.68
CA GLU B 158 18.83 -6.17 -34.28
C GLU B 158 19.14 -4.72 -33.84
N PRO B 159 18.37 -4.19 -32.88
CA PRO B 159 17.31 -4.84 -32.08
C PRO B 159 15.93 -5.09 -32.73
N ASP B 160 15.71 -4.61 -33.95
CA ASP B 160 14.43 -4.81 -34.68
C ASP B 160 13.21 -4.56 -33.78
N MET B 161 13.10 -3.34 -33.26
CA MET B 161 12.05 -3.04 -32.28
C MET B 161 10.64 -3.02 -32.89
N LYS B 162 10.53 -2.79 -34.20
CA LYS B 162 9.26 -2.94 -34.90
C LYS B 162 8.75 -4.39 -35.05
N GLY B 163 9.58 -5.38 -34.76
CA GLY B 163 9.12 -6.75 -34.81
C GLY B 163 8.93 -7.34 -36.20
N THR B 164 9.79 -6.94 -37.13
CA THR B 164 9.75 -7.45 -38.50
C THR B 164 10.33 -8.85 -38.66
N ASN B 165 11.23 -9.26 -37.75
CA ASN B 165 11.80 -10.60 -37.78
C ASN B 165 10.80 -11.57 -37.19
N THR B 166 10.63 -12.69 -37.86
CA THR B 166 9.55 -13.65 -37.48
C THR B 166 10.01 -15.03 -37.06
N THR B 167 9.08 -15.69 -36.40
CA THR B 167 9.20 -17.08 -36.02
C THR B 167 7.82 -17.57 -35.63
N SER B 168 7.77 -18.84 -35.26
CA SER B 168 6.60 -19.43 -34.61
C SER B 168 7.04 -20.31 -33.43
N PRO B 169 6.13 -20.51 -32.45
CA PRO B 169 6.37 -21.48 -31.37
C PRO B 169 6.81 -22.84 -31.90
N ARG B 170 6.14 -23.31 -32.95
CA ARG B 170 6.49 -24.59 -33.58
C ARG B 170 7.94 -24.58 -34.06
N ASP B 171 8.34 -23.53 -34.77
CA ASP B 171 9.70 -23.47 -35.32
C ASP B 171 10.75 -23.56 -34.24
N LEU B 172 10.56 -22.82 -33.14
CA LEU B 172 11.55 -22.69 -32.12
C LEU B 172 11.69 -24.00 -31.36
N ALA B 173 10.53 -24.55 -31.03
CA ALA B 173 10.44 -25.83 -30.30
C ALA B 173 11.00 -26.99 -31.12
N THR B 174 10.80 -26.96 -32.43
CA THR B 174 11.18 -28.06 -33.33
C THR B 174 12.70 -28.06 -33.61
N LEU B 175 13.26 -26.88 -33.80
CA LEU B 175 14.71 -26.75 -33.83
C LEU B 175 15.37 -27.25 -32.57
N MET B 176 14.84 -26.86 -31.42
CA MET B 176 15.36 -27.43 -30.16
C MET B 176 15.20 -28.98 -30.05
N LEU B 177 14.08 -29.52 -30.53
CA LEU B 177 13.87 -30.96 -30.55
C LEU B 177 14.98 -31.64 -31.35
N LYS B 178 15.29 -31.09 -32.53
CA LYS B 178 16.37 -31.65 -33.35
C LYS B 178 17.73 -31.62 -32.66
N ILE B 179 18.05 -30.47 -32.05
CA ILE B 179 19.34 -30.30 -31.36
C ILE B 179 19.39 -31.27 -30.20
N GLY B 180 18.31 -31.33 -29.44
CA GLY B 180 18.24 -32.27 -28.29
C GLY B 180 18.48 -33.72 -28.69
N GLN B 181 17.99 -34.10 -29.86
CA GLN B 181 18.19 -35.47 -30.35
C GLN B 181 19.56 -35.73 -31.00
N GLY B 182 20.39 -34.68 -31.15
CA GLY B 182 21.75 -34.84 -31.66
C GLY B 182 21.86 -34.54 -33.14
N GLU B 183 20.83 -33.90 -33.71
CA GLU B 183 20.90 -33.54 -35.09
C GLU B 183 21.61 -32.20 -35.27
N ILE B 184 22.00 -31.97 -36.52
CA ILE B 184 22.58 -30.72 -37.00
C ILE B 184 24.01 -30.45 -36.54
N LEU B 185 24.27 -30.52 -35.24
CA LEU B 185 25.56 -30.14 -34.67
C LEU B 185 26.32 -31.33 -34.16
N SER B 186 27.64 -31.22 -34.19
CA SER B 186 28.50 -32.19 -33.51
C SER B 186 28.17 -32.19 -32.00
N PRO B 187 28.53 -33.28 -31.29
CA PRO B 187 28.35 -33.33 -29.84
C PRO B 187 28.98 -32.15 -29.13
N ARG B 188 30.19 -31.75 -29.55
CA ARG B 188 30.93 -30.63 -28.93
C ARG B 188 30.13 -29.35 -29.10
N SER B 189 29.58 -29.11 -30.29
CA SER B 189 28.86 -27.87 -30.55
C SER B 189 27.51 -27.89 -29.89
N ARG B 190 26.84 -29.04 -29.96
CA ARG B 190 25.57 -29.24 -29.28
C ARG B 190 25.71 -28.94 -27.80
N ASP B 191 26.69 -29.56 -27.16
CA ASP B 191 26.93 -29.42 -25.74
C ASP B 191 27.26 -27.96 -25.34
N ARG B 192 28.05 -27.27 -26.14
CA ARG B 192 28.37 -25.87 -25.88
C ARG B 192 27.17 -24.97 -26.01
N LEU B 193 26.39 -25.18 -27.06
CA LEU B 193 25.17 -24.43 -27.24
C LEU B 193 24.24 -24.57 -26.05
N LEU B 194 24.04 -25.80 -25.60
CA LEU B 194 23.13 -25.99 -24.49
C LEU B 194 23.66 -25.38 -23.20
N ASP B 195 24.97 -25.44 -22.98
CA ASP B 195 25.54 -24.80 -21.81
C ASP B 195 25.28 -23.32 -21.88
N ILE B 196 25.51 -22.68 -23.04
CA ILE B 196 25.32 -21.26 -23.17
C ILE B 196 23.87 -20.91 -22.88
N MET B 197 22.97 -21.72 -23.41
CA MET B 197 21.52 -21.47 -23.28
C MET B 197 20.94 -21.75 -21.90
N ARG B 198 21.74 -22.38 -21.02
CA ARG B 198 21.44 -22.52 -19.59
C ARG B 198 22.00 -21.40 -18.71
N ARG B 199 22.75 -20.44 -19.30
CA ARG B 199 23.39 -19.34 -18.57
C ARG B 199 22.87 -17.96 -19.00
N THR B 200 21.65 -17.98 -19.47
CA THR B 200 20.95 -16.82 -19.90
C THR B 200 20.55 -16.03 -18.63
N VAL B 201 20.41 -14.71 -18.73
CA VAL B 201 20.17 -13.85 -17.56
C VAL B 201 18.70 -13.51 -17.32
N THR B 202 17.83 -13.89 -18.25
CA THR B 202 16.40 -13.55 -18.17
C THR B 202 15.58 -14.78 -18.00
N ASN B 203 15.17 -15.04 -16.77
CA ASN B 203 14.62 -16.31 -16.36
C ASN B 203 13.23 -16.21 -15.69
N THR B 204 12.51 -15.14 -15.99
CA THR B 204 11.22 -14.85 -15.36
C THR B 204 10.02 -15.35 -16.20
N LEU B 205 10.29 -16.06 -17.29
CA LEU B 205 9.22 -16.60 -18.16
C LEU B 205 9.07 -18.14 -17.98
N LEU B 206 9.40 -18.95 -18.97
CA LEU B 206 9.29 -20.42 -18.82
C LEU B 206 9.97 -21.00 -17.54
N PRO B 207 11.17 -20.54 -17.20
CA PRO B 207 11.81 -21.11 -16.03
C PRO B 207 11.05 -20.89 -14.70
N ALA B 208 10.25 -19.82 -14.63
CA ALA B 208 9.51 -19.52 -13.42
C ALA B 208 8.39 -20.55 -13.14
N GLY B 209 7.97 -21.32 -14.15
CA GLY B 209 6.98 -22.38 -13.96
C GLY B 209 7.53 -23.75 -13.58
N LEU B 210 8.85 -23.87 -13.52
CA LEU B 210 9.47 -25.19 -13.31
C LEU B 210 9.64 -25.54 -11.84
N GLY B 211 9.55 -26.82 -11.56
CA GLY B 211 9.81 -27.31 -10.23
C GLY B 211 11.27 -27.40 -9.86
N LYS B 212 11.52 -27.69 -8.58
CA LYS B 212 12.86 -27.81 -8.06
C LYS B 212 13.64 -28.90 -8.80
N GLY B 213 14.81 -28.53 -9.29
CA GLY B 213 15.74 -29.50 -9.87
C GLY B 213 15.62 -29.68 -11.36
N ALA B 214 14.63 -28.99 -11.97
CA ALA B 214 14.48 -28.97 -13.41
C ALA B 214 15.51 -28.04 -13.98
N THR B 215 15.97 -28.34 -15.17
CA THR B 215 16.88 -27.44 -15.87
C THR B 215 16.24 -27.04 -17.19
N ILE B 216 16.66 -25.90 -17.71
CA ILE B 216 16.15 -25.40 -18.95
C ILE B 216 17.20 -24.63 -19.75
N ALA B 217 17.37 -25.06 -20.98
CA ALA B 217 18.15 -24.35 -22.01
C ALA B 217 17.17 -23.57 -22.87
N HIS B 218 17.26 -22.24 -22.86
CA HIS B 218 16.25 -21.46 -23.50
C HIS B 218 16.75 -20.08 -23.93
N LYS B 219 15.97 -19.42 -24.75
CA LYS B 219 16.19 -18.00 -25.11
C LYS B 219 14.90 -17.21 -25.14
N THR B 220 14.89 -16.13 -24.35
CA THR B 220 13.75 -15.23 -24.28
C THR B 220 13.77 -14.14 -25.37
N GLY B 221 12.65 -13.47 -25.48
CA GLY B 221 12.56 -12.33 -26.39
C GLY B 221 11.53 -11.37 -25.87
N ASP B 222 11.84 -10.08 -25.91
CA ASP B 222 10.91 -9.08 -25.45
C ASP B 222 11.17 -7.80 -26.19
N ILE B 223 10.18 -7.33 -26.94
CA ILE B 223 10.25 -6.00 -27.57
C ILE B 223 9.08 -5.14 -27.15
N GLY B 224 8.56 -5.39 -25.94
CA GLY B 224 7.47 -4.58 -25.42
C GLY B 224 6.10 -5.07 -25.88
N ILE B 225 5.89 -5.06 -27.20
CA ILE B 225 4.64 -5.49 -27.81
C ILE B 225 4.52 -6.99 -28.08
N VAL B 226 5.63 -7.72 -27.89
CA VAL B 226 5.66 -9.17 -27.94
C VAL B 226 6.67 -9.62 -26.87
N VAL B 227 6.35 -10.69 -26.15
CA VAL B 227 7.24 -11.33 -25.20
C VAL B 227 7.12 -12.85 -25.39
N GLY B 228 8.23 -13.55 -25.31
CA GLY B 228 8.23 -15.01 -25.52
C GLY B 228 9.45 -15.72 -25.01
N ASP B 229 9.41 -17.05 -25.09
CA ASP B 229 10.51 -17.86 -24.53
C ASP B 229 10.36 -19.23 -25.14
N ALA B 230 11.49 -19.90 -25.37
CA ALA B 230 11.49 -21.24 -25.97
C ALA B 230 12.73 -21.98 -25.52
N GLY B 231 12.59 -23.28 -25.24
CA GLY B 231 13.75 -24.10 -24.89
C GLY B 231 13.39 -25.56 -24.62
N MET B 232 14.32 -26.24 -23.99
CA MET B 232 14.22 -27.64 -23.62
C MET B 232 14.33 -27.71 -22.14
N VAL B 233 13.42 -28.46 -21.51
CA VAL B 233 13.36 -28.61 -20.11
C VAL B 233 13.69 -30.06 -19.79
N ASP B 234 14.60 -30.26 -18.87
CA ASP B 234 14.80 -31.56 -18.31
C ASP B 234 14.27 -31.64 -16.92
N MET B 235 13.40 -32.62 -16.67
CA MET B 235 12.75 -32.79 -15.37
C MET B 235 13.52 -33.75 -14.49
N PRO B 236 13.46 -33.53 -13.17
CA PRO B 236 14.11 -34.46 -12.28
C PRO B 236 13.67 -35.91 -12.42
N ASN B 237 12.44 -36.18 -12.88
CA ASN B 237 11.98 -37.56 -13.10
C ASN B 237 12.63 -38.25 -14.31
N GLY B 238 13.44 -37.49 -15.04
CA GLY B 238 14.17 -37.98 -16.20
C GLY B 238 13.50 -37.68 -17.52
N GLN B 239 12.28 -37.12 -17.49
CA GLN B 239 11.58 -36.77 -18.75
C GLN B 239 12.16 -35.48 -19.31
N ARG B 240 11.96 -35.27 -20.61
CA ARG B 240 12.44 -34.10 -21.30
C ARG B 240 11.29 -33.58 -22.18
N TYR B 241 11.15 -32.26 -22.27
CA TYR B 241 10.20 -31.67 -23.19
C TYR B 241 10.70 -30.36 -23.81
N VAL B 242 10.24 -30.11 -25.00
CA VAL B 242 10.46 -28.80 -25.65
C VAL B 242 9.23 -27.92 -25.44
N ALA B 243 9.47 -26.61 -25.37
CA ALA B 243 8.47 -25.60 -25.01
C ALA B 243 8.72 -24.34 -25.77
N ALA B 244 7.67 -23.67 -26.25
CA ALA B 244 7.84 -22.37 -26.81
C ALA B 244 6.53 -21.63 -26.65
N MET B 245 6.62 -20.35 -26.33
CA MET B 245 5.42 -19.57 -26.14
C MET B 245 5.68 -18.10 -26.43
N MET B 246 4.81 -17.53 -27.23
CA MET B 246 4.91 -16.14 -27.66
C MET B 246 3.61 -15.43 -27.34
N VAL B 247 3.70 -14.18 -26.86
CA VAL B 247 2.50 -13.40 -26.56
C VAL B 247 2.61 -11.96 -27.09
N LYS B 248 1.61 -11.59 -27.88
CA LYS B 248 1.46 -10.24 -28.35
C LYS B 248 0.62 -9.52 -27.31
N ARG B 249 0.98 -8.28 -27.00
CA ARG B 249 0.47 -7.62 -25.81
C ARG B 249 0.59 -6.11 -25.95
N PRO B 250 -0.22 -5.36 -25.18
CA PRO B 250 0.07 -3.93 -25.03
C PRO B 250 1.48 -3.75 -24.47
N TYR B 251 2.15 -2.68 -24.89
CA TYR B 251 3.54 -2.43 -24.54
C TYR B 251 3.81 -2.70 -23.06
N ASN B 252 4.68 -3.68 -22.78
CA ASN B 252 5.13 -4.01 -21.41
C ASN B 252 4.03 -4.44 -20.44
N ASP B 253 2.92 -4.93 -20.96
CA ASP B 253 1.83 -5.34 -20.10
C ASP B 253 2.29 -6.53 -19.27
N PRO B 254 2.28 -6.42 -17.94
CA PRO B 254 2.76 -7.55 -17.13
C PRO B 254 1.94 -8.85 -17.26
N ARG B 255 0.68 -8.76 -17.68
CA ARG B 255 -0.17 -9.93 -17.92
C ARG B 255 0.43 -10.91 -18.91
N GLY B 256 1.17 -10.37 -19.89
CA GLY B 256 1.77 -11.18 -20.94
C GLY B 256 2.81 -12.14 -20.40
N SER B 257 3.72 -11.59 -19.60
CA SER B 257 4.75 -12.39 -18.92
C SER B 257 4.12 -13.34 -17.91
N GLU B 258 3.16 -12.87 -17.13
CA GLU B 258 2.46 -13.73 -16.16
C GLU B 258 1.78 -14.93 -16.82
N LEU B 259 1.22 -14.72 -17.99
CA LEU B 259 0.58 -15.78 -18.78
C LEU B 259 1.57 -16.88 -19.16
N ILE B 260 2.77 -16.50 -19.59
CA ILE B 260 3.81 -17.47 -19.90
C ILE B 260 4.18 -18.28 -18.65
N ARG B 261 4.39 -17.62 -17.51
CA ARG B 261 4.72 -18.32 -16.25
C ARG B 261 3.64 -19.33 -15.86
N GLN B 262 2.39 -18.90 -15.99
CA GLN B 262 1.24 -19.73 -15.62
C GLN B 262 1.13 -20.92 -16.52
N VAL B 263 1.24 -20.71 -17.83
CA VAL B 263 1.16 -21.84 -18.75
C VAL B 263 2.35 -22.81 -18.54
N SER B 264 3.53 -22.26 -18.33
CA SER B 264 4.72 -23.06 -18.02
C SER B 264 4.46 -23.99 -16.81
N ARG B 265 3.89 -23.42 -15.76
CA ARG B 265 3.60 -24.15 -14.54
C ARG B 265 2.56 -25.22 -14.80
N MET B 266 1.50 -24.87 -15.53
CA MET B 266 0.45 -25.84 -15.79
C MET B 266 0.98 -27.08 -16.49
N VAL B 267 1.82 -26.87 -17.51
CA VAL B 267 2.39 -27.96 -18.28
C VAL B 267 3.35 -28.77 -17.43
N TYR B 268 4.21 -28.07 -16.70
CA TYR B 268 5.22 -28.79 -15.88
C TYR B 268 4.49 -29.68 -14.87
N GLN B 269 3.47 -29.14 -14.23
CA GLN B 269 2.80 -29.88 -13.16
C GLN B 269 2.04 -31.06 -13.74
N ALA B 270 1.46 -30.90 -14.93
CA ALA B 270 0.76 -31.98 -15.60
C ALA B 270 1.70 -33.12 -15.95
N PHE B 271 2.89 -32.77 -16.43
CA PHE B 271 3.89 -33.78 -16.78
C PHE B 271 4.42 -34.47 -15.56
N GLU B 272 4.56 -33.73 -14.47
CA GLU B 272 4.87 -34.35 -13.17
C GLU B 272 3.85 -35.41 -12.78
N LYS B 273 2.56 -35.09 -12.94
CA LYS B 273 1.46 -35.99 -12.58
C LYS B 273 1.49 -37.29 -13.37
N LEU B 274 1.84 -37.22 -14.65
CA LEU B 274 1.89 -38.37 -15.56
C LEU B 274 3.30 -38.97 -15.67
N LEU C 11 -14.56 41.62 23.53
CA LEU C 11 -14.96 40.24 23.10
C LEU C 11 -16.44 40.00 23.50
N PRO C 12 -17.24 39.43 22.59
CA PRO C 12 -18.66 39.28 22.92
C PRO C 12 -18.89 38.18 23.98
N PRO C 13 -20.04 38.22 24.65
CA PRO C 13 -20.34 37.16 25.62
C PRO C 13 -20.43 35.78 24.94
N GLU C 14 -19.95 34.76 25.63
CA GLU C 14 -20.08 33.40 25.13
C GLU C 14 -21.55 33.01 24.95
N ARG C 15 -21.86 32.44 23.79
CA ARG C 15 -23.18 31.92 23.47
C ARG C 15 -23.04 30.48 22.98
N PRO C 16 -23.04 29.51 23.90
CA PRO C 16 -22.89 28.14 23.43
C PRO C 16 -23.92 27.74 22.40
N LEU C 17 -23.50 26.93 21.46
CA LEU C 17 -24.35 26.48 20.40
C LEU C 17 -24.98 25.17 20.90
N THR C 18 -26.13 25.29 21.55
CA THR C 18 -26.74 24.17 22.27
C THR C 18 -26.97 22.92 21.42
N ASN C 19 -27.56 23.08 20.25
CA ASN C 19 -27.89 21.92 19.43
C ASN C 19 -26.60 21.24 18.89
N LEU C 20 -25.61 22.04 18.50
CA LEU C 20 -24.29 21.54 18.05
C LEU C 20 -23.58 20.84 19.21
N GLN C 21 -23.66 21.42 20.41
CA GLN C 21 -23.11 20.75 21.58
C GLN C 21 -23.64 19.32 21.65
N GLN C 22 -24.94 19.20 21.50
CA GLN C 22 -25.59 17.91 21.70
C GLN C 22 -25.22 16.93 20.57
N GLN C 23 -25.25 17.41 19.33
CA GLN C 23 -24.85 16.60 18.16
C GLN C 23 -23.40 16.10 18.28
N ILE C 24 -22.49 17.00 18.64
CA ILE C 24 -21.08 16.64 18.68
C ILE C 24 -20.80 15.77 19.88
N GLN C 25 -21.46 16.04 21.02
CA GLN C 25 -21.30 15.16 22.20
C GLN C 25 -21.69 13.71 21.85
N GLN C 26 -22.79 13.58 21.12
CA GLN C 26 -23.28 12.30 20.63
C GLN C 26 -22.28 11.65 19.68
N LEU C 27 -21.82 12.42 18.70
CA LEU C 27 -20.83 11.96 17.74
C LEU C 27 -19.58 11.44 18.45
N VAL C 28 -19.00 12.21 19.36
CA VAL C 28 -17.73 11.79 19.98
C VAL C 28 -17.96 10.63 20.97
N SER C 29 -19.17 10.54 21.50
CA SER C 29 -19.57 9.41 22.33
C SER C 29 -19.73 8.11 21.53
N ARG C 30 -20.13 8.21 20.26
CA ARG C 30 -20.27 7.02 19.40
C ARG C 30 -18.90 6.54 18.85
N GLN C 31 -17.80 6.82 19.56
CA GLN C 31 -16.45 6.46 19.13
C GLN C 31 -15.74 5.58 20.15
N PRO C 32 -15.80 4.27 19.96
CA PRO C 32 -15.17 3.39 20.93
C PRO C 32 -13.67 3.57 20.91
N ASN C 33 -13.04 3.55 22.08
CA ASN C 33 -11.59 3.59 22.18
C ASN C 33 -11.00 4.94 21.82
N LEU C 34 -11.80 5.88 21.30
CA LEU C 34 -11.37 7.27 21.06
C LEU C 34 -11.88 8.20 22.17
N THR C 35 -11.05 9.14 22.56
CA THR C 35 -11.40 10.13 23.55
C THR C 35 -11.02 11.47 22.97
N ALA C 36 -12.04 12.26 22.70
CA ALA C 36 -11.90 13.51 21.97
C ALA C 36 -12.18 14.69 22.91
N GLY C 37 -11.45 15.77 22.66
CA GLY C 37 -11.62 17.04 23.35
C GLY C 37 -11.53 18.15 22.35
N LEU C 38 -12.44 19.13 22.47
CA LEU C 38 -12.53 20.18 21.46
C LEU C 38 -13.10 21.47 22.00
N TYR C 39 -12.63 22.57 21.43
CA TYR C 39 -12.97 23.88 21.84
C TYR C 39 -12.95 24.82 20.63
N PHE C 40 -14.09 25.48 20.36
CA PHE C 40 -14.23 26.45 19.28
C PHE C 40 -14.89 27.68 19.85
N PHE C 41 -14.46 28.87 19.42
CA PHE C 41 -15.07 30.12 19.84
C PHE C 41 -14.95 31.11 18.72
N ASN C 42 -16.09 31.68 18.35
CA ASN C 42 -16.20 32.69 17.29
C ASN C 42 -16.00 34.07 17.94
N LEU C 43 -14.94 34.73 17.51
CA LEU C 43 -14.55 36.02 18.08
C LEU C 43 -15.58 37.12 17.84
N ASP C 44 -16.37 37.00 16.78
CA ASP C 44 -17.34 38.01 16.39
C ASP C 44 -18.71 37.80 16.98
N SER C 45 -19.20 36.55 17.00
CA SER C 45 -20.53 36.24 17.54
C SER C 45 -20.57 35.77 18.99
N GLY C 46 -19.44 35.28 19.50
CA GLY C 46 -19.37 34.65 20.80
C GLY C 46 -19.85 33.21 20.83
N ALA C 47 -20.32 32.71 19.70
CA ALA C 47 -20.71 31.32 19.56
C ALA C 47 -19.57 30.38 19.94
N SER C 48 -19.89 29.40 20.80
CA SER C 48 -18.88 28.47 21.31
C SER C 48 -19.35 27.03 21.23
N LEU C 49 -18.36 26.13 21.18
CA LEU C 49 -18.58 24.69 21.30
C LEU C 49 -17.44 24.16 22.14
N ASN C 50 -17.78 23.42 23.20
CA ASN C 50 -16.78 22.90 24.10
C ASN C 50 -17.23 21.50 24.50
N VAL C 51 -16.57 20.49 23.95
CA VAL C 51 -16.87 19.08 24.31
C VAL C 51 -15.55 18.50 24.77
N GLY C 52 -15.39 18.42 26.08
CA GLY C 52 -14.15 17.96 26.70
C GLY C 52 -12.92 18.79 26.41
N GLY C 53 -13.12 20.07 26.09
CA GLY C 53 -12.01 20.97 25.70
C GLY C 53 -11.10 21.27 26.88
N ASP C 54 -11.58 21.10 28.10
CA ASP C 54 -10.71 21.28 29.28
C ASP C 54 -9.86 20.06 29.70
N GLN C 55 -10.11 18.91 29.08
CA GLN C 55 -9.40 17.69 29.39
C GLN C 55 -7.92 17.92 29.05
N VAL C 56 -7.04 17.33 29.86
CA VAL C 56 -5.62 17.38 29.56
C VAL C 56 -5.35 16.23 28.61
N PHE C 57 -4.50 16.52 27.61
CA PHE C 57 -4.07 15.55 26.61
C PHE C 57 -2.56 15.57 26.45
N PRO C 58 -1.98 14.45 25.97
CA PRO C 58 -0.65 14.60 25.38
C PRO C 58 -0.73 15.60 24.24
N ALA C 59 0.21 16.54 24.22
CA ALA C 59 0.19 17.64 23.28
C ALA C 59 0.68 17.23 21.87
N ALA C 60 1.56 16.25 21.82
CA ALA C 60 2.27 15.96 20.61
C ALA C 60 2.89 17.29 20.15
N SER C 61 3.02 17.50 18.84
CA SER C 61 3.64 18.73 18.35
C SER C 61 2.80 20.02 18.45
N THR C 62 1.57 19.97 18.97
CA THR C 62 0.77 21.17 19.10
C THR C 62 1.49 22.19 20.01
N ILE C 63 2.29 21.69 20.92
CA ILE C 63 2.93 22.57 21.90
C ILE C 63 4.00 23.45 21.28
N LYS C 64 4.41 23.12 20.06
CA LYS C 64 5.30 24.00 19.28
C LYS C 64 4.66 25.36 19.00
N PHE C 65 3.31 25.44 18.98
CA PHE C 65 2.63 26.75 18.86
C PHE C 65 2.92 27.69 20.07
N PRO C 66 2.60 27.27 21.31
CA PRO C 66 2.99 28.09 22.47
C PRO C 66 4.49 28.42 22.46
N ILE C 67 5.33 27.47 22.04
CA ILE C 67 6.80 27.76 21.97
C ILE C 67 7.06 28.91 20.98
N LEU C 68 6.40 28.93 19.83
CA LEU C 68 6.58 30.00 18.83
C LEU C 68 6.11 31.32 19.39
N VAL C 69 5.03 31.33 20.19
CA VAL C 69 4.58 32.60 20.74
C VAL C 69 5.64 33.15 21.70
N ALA C 70 6.22 32.27 22.51
CA ALA C 70 7.28 32.68 23.43
C ALA C 70 8.52 33.18 22.71
N PHE C 71 8.82 32.59 21.58
CA PHE C 71 9.88 33.13 20.68
C PHE C 71 9.63 34.56 20.24
N PHE C 72 8.47 34.84 19.68
CA PHE C 72 8.17 36.20 19.24
C PHE C 72 8.06 37.20 20.40
N LYS C 73 7.62 36.74 21.57
CA LYS C 73 7.60 37.61 22.73
C LYS C 73 9.04 38.02 23.08
N ALA C 74 9.96 37.08 23.01
CA ALA C 74 11.37 37.40 23.29
C ALA C 74 11.94 38.36 22.27
N VAL C 75 11.54 38.19 21.02
CA VAL C 75 11.91 39.16 19.97
C VAL C 75 11.35 40.57 20.23
N ASP C 76 10.06 40.67 20.51
CA ASP C 76 9.44 41.94 20.88
C ASP C 76 10.12 42.66 22.05
N GLU C 77 10.60 41.88 23.01
CA GLU C 77 11.29 42.39 24.18
C GLU C 77 12.81 42.59 24.06
N GLY C 78 13.37 42.39 22.87
CA GLY C 78 14.78 42.56 22.62
C GLY C 78 15.71 41.51 23.18
N ARG C 79 15.17 40.37 23.59
CA ARG C 79 15.99 39.33 24.22
C ARG C 79 16.58 38.38 23.20
N VAL C 80 15.98 38.35 22.01
CA VAL C 80 16.37 37.52 20.88
C VAL C 80 16.12 38.38 19.63
N THR C 81 16.91 38.19 18.58
CA THR C 81 16.63 38.86 17.31
C THR C 81 16.29 37.83 16.23
N LEU C 82 15.58 38.26 15.19
CA LEU C 82 15.23 37.35 14.08
C LEU C 82 16.47 36.88 13.30
N GLN C 83 17.54 37.68 13.30
CA GLN C 83 18.72 37.41 12.51
C GLN C 83 19.83 36.77 13.27
N GLU C 84 19.76 36.69 14.60
CA GLU C 84 20.90 36.12 15.30
C GLU C 84 21.07 34.66 14.93
N ARG C 85 22.32 34.17 15.01
CA ARG C 85 22.66 32.83 14.58
C ARG C 85 22.60 31.86 15.74
N LEU C 86 21.78 30.83 15.58
CA LEU C 86 21.64 29.75 16.54
C LEU C 86 22.46 28.54 16.07
N THR C 87 23.07 27.88 17.02
CA THR C 87 23.96 26.77 16.73
C THR C 87 23.27 25.41 16.96
N MET C 88 23.38 24.52 15.99
CA MET C 88 22.81 23.18 16.14
C MET C 88 23.77 22.28 16.92
N ARG C 89 23.75 22.48 18.24
CA ARG C 89 24.72 21.75 19.10
C ARG C 89 24.36 20.27 19.14
N PRO C 90 25.35 19.40 19.39
CA PRO C 90 25.11 17.97 19.51
C PRO C 90 24.04 17.58 20.51
N ASP C 91 23.88 18.34 21.59
CA ASP C 91 22.86 18.00 22.59
C ASP C 91 21.45 18.42 22.20
N LEU C 92 21.30 19.13 21.10
CA LEU C 92 20.00 19.62 20.68
C LEU C 92 19.42 18.79 19.48
N ILE C 93 20.28 17.99 18.85
CA ILE C 93 19.89 17.21 17.65
C ILE C 93 18.98 16.04 18.05
N ALA C 94 17.90 15.87 17.27
CA ALA C 94 16.81 14.98 17.62
C ALA C 94 16.29 14.38 16.31
N PRO C 95 15.80 13.14 16.37
CA PRO C 95 15.21 12.41 15.25
C PRO C 95 13.74 12.77 14.98
N GLU C 96 13.08 11.92 14.19
CA GLU C 96 11.70 12.15 13.77
C GLU C 96 11.61 13.40 12.87
N ALA C 97 10.49 14.11 12.83
CA ALA C 97 10.30 15.19 11.88
C ALA C 97 11.41 16.23 11.94
N GLY C 98 11.83 16.67 10.78
CA GLY C 98 12.78 17.77 10.68
C GLY C 98 13.84 17.56 9.60
N THR C 99 14.38 18.68 9.11
CA THR C 99 15.48 18.70 8.17
C THR C 99 16.87 19.05 8.79
N LEU C 100 16.87 19.79 9.89
CA LEU C 100 18.12 20.30 10.47
C LEU C 100 19.02 19.14 10.90
N GLN C 101 18.42 18.05 11.37
CA GLN C 101 19.18 16.88 11.84
C GLN C 101 20.16 16.31 10.84
N TYR C 102 19.97 16.52 9.53
CA TYR C 102 20.87 15.99 8.51
C TYR C 102 22.07 16.87 8.23
N GLN C 103 22.09 18.05 8.84
CA GLN C 103 23.18 18.98 8.65
C GLN C 103 24.32 18.66 9.61
N LYS C 104 25.44 19.33 9.41
CA LYS C 104 26.60 19.10 10.26
C LYS C 104 26.38 19.65 11.66
N PRO C 105 26.75 18.85 12.69
CA PRO C 105 26.73 19.37 14.02
C PRO C 105 27.48 20.67 14.09
N ASN C 106 26.91 21.58 14.86
CA ASN C 106 27.44 22.91 15.14
C ASN C 106 27.33 23.92 14.02
N SER C 107 26.65 23.55 12.94
CA SER C 107 26.27 24.46 11.89
C SER C 107 25.27 25.46 12.46
N GLN C 108 25.15 26.62 11.82
CA GLN C 108 24.35 27.70 12.36
C GLN C 108 23.27 28.19 11.40
N TYR C 109 22.21 28.75 11.99
CA TYR C 109 20.97 29.11 11.29
C TYR C 109 20.45 30.38 11.90
N ALA C 110 19.85 31.26 11.10
CA ALA C 110 19.14 32.39 11.68
C ALA C 110 18.01 31.93 12.62
N ALA C 111 17.80 32.66 13.70
CA ALA C 111 16.79 32.30 14.71
C ALA C 111 15.40 32.18 14.09
N LEU C 112 15.03 33.10 13.21
CA LEU C 112 13.71 33.01 12.52
C LEU C 112 13.57 31.75 11.67
N GLU C 113 14.62 31.40 10.94
CA GLU C 113 14.62 30.20 10.13
C GLU C 113 14.32 28.99 10.97
N VAL C 114 14.99 28.93 12.11
CA VAL C 114 14.82 27.80 13.07
C VAL C 114 13.39 27.77 13.60
N ALA C 115 12.92 28.92 14.08
CA ALA C 115 11.54 29.02 14.59
C ALA C 115 10.53 28.59 13.53
N GLU C 116 10.71 29.02 12.26
CA GLU C 116 9.80 28.65 11.17
C GLU C 116 9.80 27.12 10.98
N LEU C 117 10.98 26.50 10.92
CA LEU C 117 11.03 25.06 10.68
C LEU C 117 10.34 24.28 11.81
N MET C 118 10.49 24.74 13.06
CA MET C 118 9.84 24.14 14.21
C MET C 118 8.32 23.99 13.92
N ILE C 119 7.73 25.01 13.30
CA ILE C 119 6.29 25.01 12.99
C ILE C 119 5.89 24.38 11.67
N THR C 120 6.53 24.80 10.57
CA THR C 120 6.07 24.41 9.25
C THR C 120 6.21 22.94 9.02
N ILE C 121 7.34 22.39 9.44
CA ILE C 121 7.58 20.96 9.27
C ILE C 121 7.73 20.23 10.61
N SER C 122 7.47 20.90 11.72
CA SER C 122 7.47 20.24 13.01
C SER C 122 8.88 19.80 13.41
N ASP C 123 9.89 20.53 12.93
CA ASP C 123 11.30 20.15 13.13
C ASP C 123 11.65 20.02 14.63
N ASN C 124 11.99 18.81 15.06
CA ASN C 124 12.25 18.58 16.47
C ASN C 124 13.59 19.15 16.93
N THR C 125 14.59 19.04 16.08
CA THR C 125 15.86 19.70 16.36
C THR C 125 15.66 21.20 16.53
N ALA C 126 14.94 21.80 15.58
CA ALA C 126 14.64 23.23 15.62
C ALA C 126 13.94 23.57 16.92
N THR C 127 12.94 22.77 17.32
CA THR C 127 12.24 22.99 18.59
C THR C 127 13.18 22.99 19.77
N ASN C 128 14.04 21.98 19.85
CA ASN C 128 14.98 21.92 20.94
C ASN C 128 15.90 23.13 21.01
N MET C 129 16.37 23.56 19.84
CA MET C 129 17.19 24.79 19.72
C MET C 129 16.44 26.03 20.24
N ILE C 130 15.17 26.17 19.89
CA ILE C 130 14.42 27.31 20.35
C ILE C 130 14.18 27.26 21.87
N ILE C 131 13.83 26.09 22.42
CA ILE C 131 13.54 25.97 23.82
C ILE C 131 14.81 26.35 24.60
N ASP C 132 15.95 25.85 24.11
CA ASP C 132 17.25 26.13 24.70
C ASP C 132 17.57 27.62 24.68
N ARG C 133 17.41 28.24 23.53
CA ARG C 133 17.66 29.68 23.37
C ARG C 133 16.80 30.54 24.29
N LEU C 134 15.56 30.10 24.57
CA LEU C 134 14.65 30.80 25.46
C LEU C 134 14.77 30.43 26.95
N GLY C 135 15.79 29.65 27.29
CA GLY C 135 16.15 29.42 28.65
C GLY C 135 15.72 28.10 29.26
N GLY C 136 15.21 27.21 28.44
CA GLY C 136 14.78 25.89 28.87
C GLY C 136 13.29 25.72 29.14
N ALA C 137 12.92 24.45 29.27
CA ALA C 137 11.50 24.06 29.45
C ALA C 137 10.87 24.71 30.68
N ALA C 138 11.59 24.73 31.80
CA ALA C 138 11.04 25.33 33.04
C ALA C 138 10.62 26.79 32.86
N GLU C 139 11.46 27.56 32.17
CA GLU C 139 11.19 28.96 31.88
C GLU C 139 9.95 29.12 31.01
N LEU C 140 9.86 28.27 29.99
CA LEU C 140 8.71 28.28 29.09
C LEU C 140 7.46 27.87 29.85
N ASN C 141 7.56 26.83 30.68
CA ASN C 141 6.39 26.38 31.45
C ASN C 141 5.80 27.49 32.32
N GLN C 142 6.69 28.25 32.93
CA GLN C 142 6.30 29.37 33.75
C GLN C 142 5.60 30.43 32.91
N GLN C 143 6.10 30.67 31.70
CA GLN C 143 5.42 31.60 30.80
C GLN C 143 4.03 31.11 30.40
N PHE C 144 3.91 29.82 30.08
CA PHE C 144 2.58 29.25 29.75
C PHE C 144 1.59 29.46 30.90
N GLN C 145 2.04 29.18 32.12
CA GLN C 145 1.20 29.40 33.32
C GLN C 145 0.78 30.85 33.42
N GLU C 146 1.71 31.75 33.16
CA GLU C 146 1.46 33.17 33.27
C GLU C 146 0.43 33.62 32.24
N TRP C 147 0.39 32.97 31.10
CA TRP C 147 -0.62 33.26 30.03
C TRP C 147 -2.00 32.63 30.34
N GLY C 148 -2.06 31.87 31.43
CA GLY C 148 -3.30 31.17 31.84
C GLY C 148 -3.49 29.79 31.20
N LEU C 149 -2.42 29.24 30.64
CA LEU C 149 -2.44 27.89 30.02
C LEU C 149 -2.06 26.83 31.03
N GLU C 150 -3.07 26.45 31.81
CA GLU C 150 -2.78 25.73 33.03
C GLU C 150 -2.35 24.29 32.82
N ASN C 151 -2.74 23.67 31.72
CA ASN C 151 -2.36 22.29 31.45
C ASN C 151 -1.32 22.16 30.38
N THR C 152 -0.66 23.27 30.04
CA THR C 152 0.32 23.23 28.92
C THR C 152 1.74 23.17 29.50
N VAL C 153 2.39 22.03 29.37
CA VAL C 153 3.65 21.72 30.09
C VAL C 153 4.58 20.90 29.22
N ILE C 154 5.85 21.37 29.15
CA ILE C 154 6.96 20.64 28.56
C ILE C 154 7.66 19.90 29.66
N ASN C 155 7.55 18.57 29.61
CA ASN C 155 8.22 17.65 30.51
C ASN C 155 9.47 16.97 29.91
N ASN C 156 9.58 16.97 28.58
CA ASN C 156 10.72 16.30 27.94
C ASN C 156 11.08 16.94 26.61
N PRO C 157 12.32 16.76 26.17
CA PRO C 157 12.74 17.27 24.86
C PRO C 157 11.98 16.58 23.70
N GLU C 158 12.02 17.23 22.55
CA GLU C 158 11.36 16.69 21.36
C GLU C 158 12.25 15.64 20.77
N PRO C 159 11.64 14.63 20.11
CA PRO C 159 10.25 14.42 19.76
C PRO C 159 9.19 14.05 20.85
N ASP C 160 9.56 13.72 22.05
CA ASP C 160 8.59 13.32 23.10
C ASP C 160 7.52 12.33 22.59
N MET C 161 7.99 11.20 22.06
CA MET C 161 7.11 10.21 21.44
C MET C 161 6.24 9.45 22.45
N LYS C 162 6.69 9.41 23.71
CA LYS C 162 5.88 8.87 24.81
C LYS C 162 4.69 9.77 25.22
N GLY C 163 4.70 11.03 24.78
CA GLY C 163 3.58 11.95 24.98
C GLY C 163 3.49 12.50 26.39
N THR C 164 4.65 12.78 26.97
CA THR C 164 4.69 13.34 28.31
C THR C 164 4.38 14.86 28.36
N ASN C 165 4.61 15.59 27.25
CA ASN C 165 4.28 17.00 27.20
C ASN C 165 2.76 17.11 27.05
N THR C 166 2.14 18.10 27.71
CA THR C 166 0.72 18.16 27.78
C THR C 166 0.18 19.49 27.32
N THR C 167 -1.11 19.47 27.02
CA THR C 167 -1.86 20.67 26.74
C THR C 167 -3.36 20.35 26.86
N SER C 168 -4.20 21.29 26.47
CA SER C 168 -5.63 21.01 26.40
C SER C 168 -6.15 21.82 25.23
N PRO C 169 -7.28 21.38 24.63
CA PRO C 169 -7.85 22.18 23.58
C PRO C 169 -8.13 23.64 23.99
N ARG C 170 -8.64 23.80 25.21
CA ARG C 170 -8.98 25.14 25.68
C ARG C 170 -7.71 26.00 25.78
N ASP C 171 -6.61 25.44 26.29
CA ASP C 171 -5.33 26.20 26.35
C ASP C 171 -4.89 26.68 24.99
N LEU C 172 -4.85 25.78 23.99
CA LEU C 172 -4.36 26.13 22.66
C LEU C 172 -5.26 27.20 22.03
N ALA C 173 -6.58 27.00 22.11
CA ALA C 173 -7.52 27.96 21.50
C ALA C 173 -7.47 29.32 22.18
N THR C 174 -7.35 29.32 23.50
CA THR C 174 -7.34 30.54 24.27
C THR C 174 -6.07 31.36 23.98
N LEU C 175 -4.93 30.71 23.86
CA LEU C 175 -3.70 31.49 23.48
C LEU C 175 -3.91 32.13 22.11
N MET C 176 -4.45 31.37 21.16
CA MET C 176 -4.66 31.90 19.83
C MET C 176 -5.72 33.01 19.85
N LEU C 177 -6.73 32.88 20.71
CA LEU C 177 -7.70 33.97 20.87
C LEU C 177 -7.06 35.27 21.32
N LYS C 178 -6.16 35.18 22.29
CA LYS C 178 -5.45 36.36 22.77
C LYS C 178 -4.66 37.01 21.64
N ILE C 179 -3.95 36.19 20.89
CA ILE C 179 -3.17 36.71 19.75
C ILE C 179 -4.06 37.34 18.72
N GLY C 180 -5.16 36.67 18.38
CA GLY C 180 -6.14 37.19 17.44
C GLY C 180 -6.65 38.57 17.83
N GLN C 181 -6.88 38.75 19.12
CA GLN C 181 -7.27 40.04 19.69
C GLN C 181 -6.19 41.13 19.75
N GLY C 182 -4.93 40.86 19.35
CA GLY C 182 -3.87 41.85 19.39
C GLY C 182 -3.07 41.87 20.67
N GLU C 183 -3.28 40.88 21.53
CA GLU C 183 -2.55 40.75 22.79
C GLU C 183 -1.29 39.92 22.61
N ILE C 184 -0.40 40.04 23.59
CA ILE C 184 0.86 39.33 23.74
C ILE C 184 1.93 39.76 22.75
N LEU C 185 1.62 39.72 21.45
CA LEU C 185 2.64 40.00 20.42
C LEU C 185 2.42 41.33 19.70
N SER C 186 3.51 41.95 19.26
CA SER C 186 3.45 43.16 18.44
C SER C 186 2.74 42.85 17.13
N PRO C 187 2.27 43.89 16.43
CA PRO C 187 1.70 43.61 15.10
C PRO C 187 2.65 42.88 14.15
N ARG C 188 3.92 43.31 14.11
CA ARG C 188 4.96 42.67 13.30
C ARG C 188 5.10 41.19 13.61
N SER C 189 5.13 40.89 14.90
CA SER C 189 5.27 39.52 15.34
C SER C 189 4.02 38.68 15.11
N ARG C 190 2.82 39.25 15.32
CA ARG C 190 1.60 38.55 14.97
C ARG C 190 1.56 38.18 13.52
N ASP C 191 1.93 39.12 12.65
CA ASP C 191 1.89 38.90 11.20
C ASP C 191 2.75 37.71 10.87
N ARG C 192 3.95 37.67 11.46
CA ARG C 192 4.92 36.67 11.08
C ARG C 192 4.52 35.34 11.66
N LEU C 193 4.00 35.35 12.88
CA LEU C 193 3.51 34.14 13.52
C LEU C 193 2.39 33.53 12.67
N LEU C 194 1.42 34.34 12.26
CA LEU C 194 0.29 33.83 11.49
C LEU C 194 0.69 33.43 10.08
N ASP C 195 1.63 34.15 9.47
CA ASP C 195 2.14 33.73 8.16
C ASP C 195 2.77 32.35 8.25
N ILE C 196 3.68 32.17 9.19
CA ILE C 196 4.34 30.87 9.39
C ILE C 196 3.29 29.79 9.61
N MET C 197 2.29 30.07 10.43
CA MET C 197 1.31 29.03 10.79
C MET C 197 0.27 28.75 9.69
N ARG C 198 0.29 29.55 8.62
CA ARG C 198 -0.49 29.28 7.41
C ARG C 198 0.27 28.52 6.33
N ARG C 199 1.54 28.24 6.61
CA ARG C 199 2.41 27.53 5.67
C ARG C 199 2.94 26.19 6.22
N THR C 200 2.21 25.59 7.13
CA THR C 200 2.57 24.23 7.59
C THR C 200 2.25 23.24 6.47
N VAL C 201 2.90 22.08 6.56
CA VAL C 201 2.83 21.04 5.54
C VAL C 201 1.81 19.95 5.85
N THR C 202 1.20 20.00 7.02
CA THR C 202 0.25 18.95 7.43
C THR C 202 -1.16 19.58 7.59
N ASN C 203 -1.98 19.41 6.56
CA ASN C 203 -3.28 20.10 6.47
C ASN C 203 -4.49 19.19 6.34
N THR C 204 -4.33 17.96 6.84
CA THR C 204 -5.35 16.91 6.70
C THR C 204 -6.35 16.89 7.87
N LEU C 205 -6.22 17.80 8.82
CA LEU C 205 -7.06 17.80 10.02
C LEU C 205 -8.03 18.98 9.97
N LEU C 206 -7.87 20.00 10.80
CA LEU C 206 -8.85 21.09 10.78
C LEU C 206 -9.07 21.73 9.40
N PRO C 207 -7.99 21.97 8.63
CA PRO C 207 -8.22 22.63 7.34
C PRO C 207 -9.11 21.89 6.34
N ALA C 208 -9.15 20.57 6.46
CA ALA C 208 -9.91 19.74 5.55
C ALA C 208 -11.42 19.89 5.74
N GLY C 209 -11.84 20.53 6.82
CA GLY C 209 -13.25 20.82 7.07
C GLY C 209 -13.73 22.20 6.67
N LEU C 210 -12.84 23.04 6.15
CA LEU C 210 -13.18 24.43 5.85
C LEU C 210 -13.73 24.61 4.45
N GLY C 211 -14.61 25.58 4.30
CA GLY C 211 -15.13 25.98 3.02
C GLY C 211 -14.12 26.75 2.19
N LYS C 212 -14.38 26.78 0.88
CA LYS C 212 -13.54 27.49 -0.09
C LYS C 212 -13.41 28.95 0.35
N GLY C 213 -12.19 29.45 0.32
CA GLY C 213 -11.90 30.85 0.64
C GLY C 213 -11.47 31.08 2.08
N ALA C 214 -11.77 30.12 2.94
CA ALA C 214 -11.26 30.15 4.32
C ALA C 214 -9.76 29.97 4.41
N THR C 215 -9.15 30.65 5.37
CA THR C 215 -7.75 30.44 5.70
C THR C 215 -7.63 29.94 7.12
N ILE C 216 -6.55 29.22 7.40
CA ILE C 216 -6.30 28.78 8.74
C ILE C 216 -4.81 28.81 9.13
N ALA C 217 -4.51 29.54 10.18
CA ALA C 217 -3.22 29.49 10.87
C ALA C 217 -3.30 28.45 11.98
N HIS C 218 -2.50 27.39 11.91
CA HIS C 218 -2.62 26.28 12.84
C HIS C 218 -1.35 25.46 13.00
N LYS C 219 -1.40 24.57 13.96
CA LYS C 219 -0.35 23.60 14.16
C LYS C 219 -0.88 22.25 14.56
N THR C 220 -0.49 21.23 13.79
CA THR C 220 -0.89 19.88 14.09
C THR C 220 0.05 19.17 15.06
N GLY C 221 -0.46 18.06 15.60
CA GLY C 221 0.38 17.12 16.31
C GLY C 221 -0.13 15.70 16.17
N ASP C 222 0.78 14.73 16.05
CA ASP C 222 0.44 13.31 15.89
C ASP C 222 1.58 12.46 16.46
N ILE C 223 1.29 11.70 17.50
CA ILE C 223 2.20 10.69 17.99
C ILE C 223 1.35 9.42 17.98
N GLY C 224 1.80 8.36 18.64
CA GLY C 224 1.02 7.15 18.58
C GLY C 224 -0.38 7.37 19.11
N ILE C 225 -0.37 7.78 20.38
CA ILE C 225 -1.56 7.83 21.18
C ILE C 225 -2.52 8.96 20.81
N VAL C 226 -2.07 10.01 20.12
CA VAL C 226 -2.88 11.20 20.03
C VAL C 226 -2.67 11.90 18.72
N VAL C 227 -3.75 12.49 18.21
CA VAL C 227 -3.73 13.32 17.03
C VAL C 227 -4.55 14.57 17.34
N GLY C 228 -4.09 15.71 16.87
CA GLY C 228 -4.75 16.97 17.15
C GLY C 228 -4.30 18.13 16.31
N ASP C 229 -5.00 19.21 16.47
CA ASP C 229 -4.78 20.42 15.63
C ASP C 229 -5.45 21.61 16.31
N ALA C 230 -4.85 22.81 16.15
CA ALA C 230 -5.39 24.01 16.77
C ALA C 230 -4.95 25.21 15.99
N GLY C 231 -5.87 26.17 15.86
CA GLY C 231 -5.51 27.44 15.26
C GLY C 231 -6.65 28.42 15.12
N MET C 232 -6.48 29.37 14.20
CA MET C 232 -7.46 30.39 13.90
C MET C 232 -7.88 30.35 12.45
N VAL C 233 -9.20 30.34 12.26
CA VAL C 233 -9.83 30.31 10.96
C VAL C 233 -10.42 31.67 10.68
N ASP C 234 -10.09 32.18 9.51
CA ASP C 234 -10.70 33.34 8.97
C ASP C 234 -11.64 32.95 7.83
N MET C 235 -12.91 33.33 7.99
CA MET C 235 -13.98 33.01 7.02
C MET C 235 -14.17 34.15 6.02
N PRO C 236 -14.46 33.82 4.74
CA PRO C 236 -14.77 34.84 3.70
C PRO C 236 -15.83 35.86 4.11
N ASN C 237 -16.73 35.49 5.02
CA ASN C 237 -17.76 36.44 5.51
C ASN C 237 -17.25 37.47 6.54
N GLY C 238 -16.01 37.31 6.96
CA GLY C 238 -15.36 38.31 7.79
C GLY C 238 -15.22 37.91 9.24
N GLN C 239 -15.77 36.73 9.56
CA GLN C 239 -15.74 36.23 10.91
C GLN C 239 -14.47 35.47 11.11
N ARG C 240 -14.05 35.40 12.36
CA ARG C 240 -12.87 34.67 12.78
C ARG C 240 -13.30 33.79 13.95
N TYR C 241 -12.72 32.59 13.98
CA TYR C 241 -12.82 31.70 15.16
C TYR C 241 -11.55 30.93 15.45
N VAL C 242 -11.43 30.60 16.73
CA VAL C 242 -10.35 29.73 17.19
C VAL C 242 -10.93 28.33 17.28
N ALA C 243 -10.07 27.34 17.06
CA ALA C 243 -10.47 25.95 16.97
C ALA C 243 -9.35 25.10 17.54
N ALA C 244 -9.67 24.11 18.36
CA ALA C 244 -8.64 23.19 18.86
C ALA C 244 -9.34 21.86 19.12
N MET C 245 -8.71 20.78 18.67
CA MET C 245 -9.28 19.46 18.89
C MET C 245 -8.18 18.42 19.04
N MET C 246 -8.31 17.52 20.03
CA MET C 246 -7.32 16.49 20.28
C MET C 246 -8.08 15.18 20.45
N VAL C 247 -7.54 14.11 19.90
CA VAL C 247 -8.13 12.78 20.05
C VAL C 247 -7.08 11.74 20.47
N LYS C 248 -7.33 11.10 21.61
CA LYS C 248 -6.63 9.89 22.02
C LYS C 248 -7.22 8.73 21.23
N ARG C 249 -6.34 7.85 20.71
CA ARG C 249 -6.76 6.81 19.78
C ARG C 249 -5.84 5.60 19.79
N PRO C 250 -6.36 4.43 19.29
CA PRO C 250 -5.47 3.31 18.90
C PRO C 250 -4.39 3.75 17.92
N TYR C 251 -3.20 3.20 18.06
CA TYR C 251 -2.02 3.71 17.36
C TYR C 251 -2.31 3.94 15.87
N ASN C 252 -2.14 5.19 15.41
CA ASN C 252 -2.31 5.57 13.98
C ASN C 252 -3.71 5.32 13.37
N ASP C 253 -4.70 5.12 14.24
CA ASP C 253 -6.05 4.81 13.79
C ASP C 253 -6.61 5.95 12.96
N PRO C 254 -6.94 5.70 11.67
CA PRO C 254 -7.47 6.76 10.80
C PRO C 254 -8.78 7.41 11.26
N ARG C 255 -9.57 6.69 12.08
CA ARG C 255 -10.83 7.22 12.64
C ARG C 255 -10.60 8.49 13.46
N GLY C 256 -9.41 8.63 14.09
CA GLY C 256 -9.09 9.81 14.91
C GLY C 256 -8.95 11.09 14.09
N SER C 257 -8.23 11.01 12.98
CA SER C 257 -8.15 12.11 12.03
C SER C 257 -9.48 12.36 11.29
N GLU C 258 -10.20 11.32 10.89
CA GLU C 258 -11.51 11.56 10.25
C GLU C 258 -12.47 12.26 11.20
N LEU C 259 -12.39 11.95 12.50
CA LEU C 259 -13.27 12.59 13.46
C LEU C 259 -13.00 14.09 13.50
N ILE C 260 -11.72 14.44 13.55
CA ILE C 260 -11.33 15.88 13.50
C ILE C 260 -11.85 16.58 12.25
N ARG C 261 -11.69 15.96 11.08
CA ARG C 261 -12.25 16.53 9.85
C ARG C 261 -13.76 16.73 9.94
N GLN C 262 -14.45 15.73 10.47
CA GLN C 262 -15.90 15.76 10.58
C GLN C 262 -16.36 16.91 11.45
N VAL C 263 -15.73 17.07 12.61
CA VAL C 263 -16.16 18.12 13.56
C VAL C 263 -15.80 19.47 12.97
N SER C 264 -14.65 19.55 12.34
CA SER C 264 -14.25 20.82 11.73
C SER C 264 -15.31 21.32 10.73
N ARG C 265 -15.77 20.42 9.85
CA ARG C 265 -16.78 20.75 8.86
C ARG C 265 -18.08 21.15 9.53
N MET C 266 -18.49 20.45 10.58
CA MET C 266 -19.74 20.73 11.18
C MET C 266 -19.73 22.11 11.82
N VAL C 267 -18.61 22.47 12.44
CA VAL C 267 -18.49 23.78 13.07
C VAL C 267 -18.48 24.90 12.01
N TYR C 268 -17.67 24.73 10.98
CA TYR C 268 -17.59 25.71 9.90
C TYR C 268 -18.98 25.99 9.34
N GLN C 269 -19.69 24.91 9.04
CA GLN C 269 -21.02 25.05 8.44
C GLN C 269 -22.01 25.72 9.37
N ALA C 270 -21.94 25.40 10.66
CA ALA C 270 -22.74 26.06 11.71
C ALA C 270 -22.49 27.56 11.77
N PHE C 271 -21.23 27.96 11.69
CA PHE C 271 -20.86 29.39 11.61
C PHE C 271 -21.27 30.08 10.30
N GLU C 272 -21.24 29.39 9.15
CA GLU C 272 -21.75 29.95 7.89
C GLU C 272 -23.22 30.34 8.01
N LYS C 273 -24.01 29.46 8.62
CA LYS C 273 -25.46 29.60 8.69
C LYS C 273 -25.93 30.76 9.59
N LEU C 274 -25.28 30.89 10.74
CA LEU C 274 -25.63 31.92 11.74
C LEU C 274 -25.19 33.31 11.23
N PRO D 2 -47.96 -33.80 -1.45
CA PRO D 2 -49.19 -34.29 -2.05
C PRO D 2 -50.27 -33.20 -2.19
N ALA D 3 -51.54 -33.53 -1.95
CA ALA D 3 -52.67 -32.57 -2.02
C ALA D 3 -52.43 -31.38 -1.09
N PRO D 4 -52.87 -30.17 -1.52
CA PRO D 4 -52.64 -29.00 -0.68
C PRO D 4 -53.47 -29.01 0.62
N GLU D 5 -52.87 -28.58 1.72
CA GLU D 5 -53.56 -28.60 3.01
C GLU D 5 -54.05 -27.20 3.48
N ALA D 6 -53.75 -26.16 2.69
CA ALA D 6 -54.31 -24.81 2.92
C ALA D 6 -54.26 -24.00 1.66
N PRO D 7 -55.17 -23.03 1.54
CA PRO D 7 -55.07 -22.15 0.42
C PRO D 7 -53.91 -21.15 0.54
N THR D 8 -53.40 -20.70 -0.58
CA THR D 8 -52.46 -19.60 -0.56
C THR D 8 -53.23 -18.29 -0.46
N SER D 9 -52.52 -17.22 -0.10
CA SER D 9 -53.10 -15.88 -0.10
C SER D 9 -52.68 -15.18 -1.38
N THR D 10 -53.63 -14.67 -2.15
CA THR D 10 -53.28 -13.87 -3.32
C THR D 10 -53.25 -12.38 -3.00
N LEU D 11 -52.27 -11.71 -3.57
CA LEU D 11 -52.15 -10.28 -3.39
C LEU D 11 -53.19 -9.58 -4.24
N PRO D 12 -53.91 -8.62 -3.67
CA PRO D 12 -54.84 -7.86 -4.52
C PRO D 12 -54.09 -7.00 -5.54
N PRO D 13 -54.77 -6.60 -6.62
CA PRO D 13 -54.18 -5.73 -7.64
C PRO D 13 -53.63 -4.45 -7.02
N GLU D 14 -52.44 -4.03 -7.39
CA GLU D 14 -51.87 -2.82 -6.85
C GLU D 14 -52.70 -1.59 -7.27
N ARG D 15 -52.89 -0.68 -6.32
CA ARG D 15 -53.66 0.55 -6.53
C ARG D 15 -52.79 1.70 -5.99
N PRO D 16 -51.90 2.22 -6.82
CA PRO D 16 -51.06 3.35 -6.39
C PRO D 16 -51.92 4.50 -5.93
N LEU D 17 -51.59 5.07 -4.77
CA LEU D 17 -52.31 6.20 -4.23
C LEU D 17 -51.61 7.44 -4.74
N THR D 18 -51.96 7.80 -5.96
CA THR D 18 -51.17 8.75 -6.74
C THR D 18 -51.19 10.20 -6.20
N ASN D 19 -52.31 10.64 -5.65
CA ASN D 19 -52.34 11.97 -5.05
C ASN D 19 -51.53 11.98 -3.78
N LEU D 20 -51.78 11.01 -2.89
CA LEU D 20 -51.02 10.96 -1.67
C LEU D 20 -49.53 10.89 -1.98
N GLN D 21 -49.18 10.15 -3.03
CA GLN D 21 -47.79 10.04 -3.47
C GLN D 21 -47.21 11.41 -3.82
N GLN D 22 -47.97 12.20 -4.56
CA GLN D 22 -47.53 13.55 -4.93
C GLN D 22 -47.40 14.48 -3.69
N GLN D 23 -48.33 14.36 -2.75
CA GLN D 23 -48.26 15.14 -1.50
C GLN D 23 -47.03 14.77 -0.65
N ILE D 24 -46.75 13.48 -0.51
CA ILE D 24 -45.57 13.04 0.22
C ILE D 24 -44.27 13.53 -0.51
N GLN D 25 -44.21 13.38 -1.83
CA GLN D 25 -43.02 13.79 -2.59
C GLN D 25 -42.75 15.27 -2.35
N GLN D 26 -43.83 16.06 -2.34
CA GLN D 26 -43.75 17.50 -2.12
C GLN D 26 -43.28 17.81 -0.69
N LEU D 27 -43.81 17.08 0.29
CA LEU D 27 -43.39 17.20 1.67
C LEU D 27 -41.89 16.95 1.83
N VAL D 28 -41.39 15.85 1.27
CA VAL D 28 -39.97 15.49 1.43
C VAL D 28 -39.02 16.43 0.65
N SER D 29 -39.42 16.76 -0.57
CA SER D 29 -38.58 17.56 -1.45
C SER D 29 -38.45 19.03 -1.03
N ARG D 30 -39.26 19.47 -0.05
CA ARG D 30 -39.10 20.84 0.50
C ARG D 30 -38.40 20.94 1.88
N GLN D 31 -37.73 19.87 2.31
CA GLN D 31 -36.96 19.89 3.54
C GLN D 31 -35.49 19.93 3.16
N PRO D 32 -34.80 21.04 3.45
CA PRO D 32 -33.42 21.17 3.02
C PRO D 32 -32.54 20.11 3.68
N ASN D 33 -31.65 19.51 2.90
CA ASN D 33 -30.60 18.66 3.45
C ASN D 33 -31.10 17.34 4.01
N LEU D 34 -32.37 17.02 3.77
CA LEU D 34 -32.88 15.69 4.00
C LEU D 34 -33.11 14.99 2.65
N THR D 35 -32.72 13.72 2.54
CA THR D 35 -33.11 12.91 1.39
C THR D 35 -33.88 11.69 1.91
N ALA D 36 -35.12 11.54 1.46
CA ALA D 36 -36.00 10.45 1.93
C ALA D 36 -36.35 9.47 0.83
N GLY D 37 -36.50 8.20 1.23
CA GLY D 37 -37.04 7.16 0.37
C GLY D 37 -38.03 6.36 1.22
N LEU D 38 -39.14 5.98 0.61
CA LEU D 38 -40.18 5.22 1.29
C LEU D 38 -40.99 4.35 0.35
N TYR D 39 -41.53 3.30 0.91
CA TYR D 39 -42.40 2.36 0.19
C TYR D 39 -43.41 1.78 1.19
N PHE D 40 -44.70 1.87 0.86
CA PHE D 40 -45.82 1.29 1.61
C PHE D 40 -46.70 0.44 0.66
N PHE D 41 -47.22 -0.68 1.17
CA PHE D 41 -48.14 -1.52 0.42
C PHE D 41 -49.16 -2.14 1.36
N ASN D 42 -50.44 -1.89 1.10
CA ASN D 42 -51.55 -2.48 1.87
C ASN D 42 -51.91 -3.88 1.34
N LEU D 43 -51.64 -4.91 2.13
CA LEU D 43 -51.82 -6.30 1.69
C LEU D 43 -53.31 -6.61 1.44
N ASP D 44 -54.21 -5.85 2.04
CA ASP D 44 -55.65 -6.05 1.88
C ASP D 44 -56.27 -5.30 0.74
N SER D 45 -55.92 -4.01 0.62
CA SER D 45 -56.57 -3.11 -0.31
C SER D 45 -55.79 -2.99 -1.63
N GLY D 46 -54.52 -3.36 -1.61
CA GLY D 46 -53.64 -3.17 -2.77
C GLY D 46 -53.07 -1.75 -2.84
N ALA D 47 -53.50 -0.84 -1.95
CA ALA D 47 -53.00 0.55 -2.03
C ALA D 47 -51.50 0.61 -1.81
N SER D 48 -50.83 1.43 -2.62
CA SER D 48 -49.39 1.53 -2.57
C SER D 48 -48.88 2.97 -2.67
N LEU D 49 -47.71 3.16 -2.08
CA LEU D 49 -46.92 4.39 -2.21
C LEU D 49 -45.45 4.06 -2.44
N ASN D 50 -44.83 4.77 -3.37
CA ASN D 50 -43.40 4.65 -3.64
C ASN D 50 -42.88 6.05 -3.90
N VAL D 51 -42.13 6.60 -2.93
CA VAL D 51 -41.48 7.90 -3.09
C VAL D 51 -39.99 7.71 -2.80
N GLY D 52 -39.19 7.51 -3.86
CA GLY D 52 -37.81 7.11 -3.70
C GLY D 52 -37.59 5.76 -3.03
N GLY D 53 -38.59 4.86 -3.06
CA GLY D 53 -38.44 3.56 -2.44
C GLY D 53 -37.39 2.63 -3.00
N ASP D 54 -37.03 2.82 -4.26
CA ASP D 54 -35.98 1.99 -4.89
C ASP D 54 -34.53 2.48 -4.65
N GLN D 55 -34.37 3.64 -4.03
CA GLN D 55 -33.02 4.20 -3.89
C GLN D 55 -32.31 3.50 -2.77
N VAL D 56 -30.98 3.41 -2.92
CA VAL D 56 -30.17 2.66 -1.99
C VAL D 56 -29.74 3.62 -0.88
N PHE D 57 -29.78 3.14 0.36
CA PHE D 57 -29.34 3.90 1.53
C PHE D 57 -28.43 3.02 2.37
N PRO D 58 -27.57 3.65 3.20
CA PRO D 58 -26.98 2.87 4.28
C PRO D 58 -28.14 2.29 5.09
N ALA D 59 -28.04 1.01 5.44
CA ALA D 59 -29.15 0.31 6.09
C ALA D 59 -29.20 0.66 7.59
N ALA D 60 -28.06 0.99 8.17
CA ALA D 60 -27.96 1.06 9.62
C ALA D 60 -28.52 -0.26 10.18
N SER D 61 -29.18 -0.21 11.34
CA SER D 61 -29.65 -1.43 11.99
C SER D 61 -30.85 -2.05 11.33
N THR D 62 -31.40 -1.40 10.32
CA THR D 62 -32.54 -2.05 9.63
C THR D 62 -32.15 -3.39 9.03
N ILE D 63 -30.87 -3.57 8.72
CA ILE D 63 -30.38 -4.77 8.09
C ILE D 63 -30.57 -5.98 9.02
N LYS D 64 -30.75 -5.73 10.31
CA LYS D 64 -30.96 -6.81 11.28
C LYS D 64 -32.27 -7.56 11.00
N PHE D 65 -33.22 -6.90 10.34
CA PHE D 65 -34.49 -7.55 9.94
C PHE D 65 -34.25 -8.67 8.88
N PRO D 66 -33.68 -8.36 7.70
CA PRO D 66 -33.31 -9.46 6.78
C PRO D 66 -32.44 -10.56 7.38
N ILE D 67 -31.53 -10.19 8.28
CA ILE D 67 -30.72 -11.16 8.96
C ILE D 67 -31.60 -12.07 9.82
N LEU D 68 -32.56 -11.51 10.56
CA LEU D 68 -33.50 -12.33 11.35
C LEU D 68 -34.29 -13.32 10.48
N VAL D 69 -34.70 -12.87 9.29
CA VAL D 69 -35.44 -13.71 8.37
C VAL D 69 -34.52 -14.90 7.96
N ALA D 70 -33.23 -14.62 7.69
CA ALA D 70 -32.33 -15.67 7.25
C ALA D 70 -32.10 -16.66 8.38
N PHE D 71 -32.13 -16.16 9.62
CA PHE D 71 -32.06 -17.01 10.83
C PHE D 71 -33.21 -18.03 10.92
N PHE D 72 -34.45 -17.55 10.84
CA PHE D 72 -35.59 -18.45 10.91
C PHE D 72 -35.72 -19.35 9.69
N LYS D 73 -35.31 -18.90 8.51
CA LYS D 73 -35.26 -19.80 7.33
C LYS D 73 -34.35 -20.98 7.68
N ALA D 74 -33.20 -20.71 8.29
CA ALA D 74 -32.28 -21.78 8.68
C ALA D 74 -32.89 -22.74 9.70
N VAL D 75 -33.64 -22.18 10.65
CA VAL D 75 -34.37 -22.96 11.65
C VAL D 75 -35.38 -23.89 10.95
N ASP D 76 -36.12 -23.31 10.01
CA ASP D 76 -37.11 -24.06 9.27
C ASP D 76 -36.53 -25.23 8.51
N GLU D 77 -35.35 -24.98 7.93
CA GLU D 77 -34.63 -25.98 7.13
C GLU D 77 -33.82 -26.95 7.96
N GLY D 78 -33.83 -26.75 9.27
CA GLY D 78 -33.19 -27.68 10.19
C GLY D 78 -31.68 -27.51 10.27
N ARG D 79 -31.18 -26.37 9.76
CA ARG D 79 -29.74 -26.11 9.71
C ARG D 79 -29.24 -25.41 10.95
N VAL D 80 -30.15 -24.74 11.63
CA VAL D 80 -29.89 -24.09 12.92
C VAL D 80 -31.06 -24.51 13.85
N THR D 81 -30.80 -24.68 15.15
CA THR D 81 -31.88 -24.93 16.09
C THR D 81 -32.02 -23.72 17.01
N LEU D 82 -33.18 -23.60 17.65
CA LEU D 82 -33.42 -22.45 18.51
C LEU D 82 -32.58 -22.54 19.77
N GLN D 83 -32.31 -23.76 20.24
CA GLN D 83 -31.67 -23.94 21.53
C GLN D 83 -30.16 -24.20 21.44
N GLU D 84 -29.60 -24.26 20.23
CA GLU D 84 -28.15 -24.55 20.08
C GLU D 84 -27.29 -23.40 20.61
N ARG D 85 -26.10 -23.72 21.12
CA ARG D 85 -25.28 -22.75 21.85
C ARG D 85 -24.39 -21.96 20.91
N LEU D 86 -24.53 -20.64 20.92
CA LEU D 86 -23.61 -19.75 20.21
C LEU D 86 -22.59 -19.18 21.21
N THR D 87 -21.34 -19.11 20.78
CA THR D 87 -20.27 -18.60 21.64
C THR D 87 -20.00 -17.15 21.33
N MET D 88 -19.92 -16.32 22.37
CA MET D 88 -19.52 -14.94 22.17
C MET D 88 -18.02 -14.86 22.12
N ARG D 89 -17.45 -15.20 20.96
CA ARG D 89 -16.01 -15.17 20.76
C ARG D 89 -15.55 -13.73 20.76
N PRO D 90 -14.31 -13.48 21.21
CA PRO D 90 -13.73 -12.13 21.17
C PRO D 90 -13.84 -11.42 19.82
N ASP D 91 -13.69 -12.17 18.72
CA ASP D 91 -13.75 -11.58 17.37
C ASP D 91 -15.13 -11.08 16.95
N LEU D 92 -16.15 -11.46 17.72
CA LEU D 92 -17.55 -11.09 17.44
C LEU D 92 -18.07 -9.97 18.32
N ILE D 93 -17.34 -9.64 19.38
CA ILE D 93 -17.78 -8.63 20.33
C ILE D 93 -17.71 -7.23 19.70
N ALA D 94 -18.78 -6.47 19.88
CA ALA D 94 -18.96 -5.16 19.25
C ALA D 94 -19.54 -4.17 20.25
N PRO D 95 -19.14 -2.89 20.12
CA PRO D 95 -19.64 -1.86 21.02
C PRO D 95 -20.99 -1.33 20.59
N GLU D 96 -21.36 -0.17 21.15
CA GLU D 96 -22.63 0.50 20.88
C GLU D 96 -23.77 -0.36 21.45
N ALA D 97 -24.94 -0.32 20.82
CA ALA D 97 -26.13 -1.03 21.33
C ALA D 97 -25.81 -2.48 21.68
N GLY D 98 -26.31 -2.92 22.84
CA GLY D 98 -26.24 -4.30 23.25
C GLY D 98 -25.70 -4.50 24.64
N THR D 99 -26.14 -5.60 25.25
CA THR D 99 -25.74 -5.97 26.60
C THR D 99 -24.74 -7.15 26.57
N LEU D 100 -24.72 -7.92 25.48
CA LEU D 100 -23.88 -9.11 25.44
C LEU D 100 -22.42 -8.75 25.65
N GLN D 101 -22.02 -7.61 25.10
CA GLN D 101 -20.64 -7.12 25.18
C GLN D 101 -20.09 -6.96 26.60
N TYR D 102 -20.96 -6.87 27.61
CA TYR D 102 -20.48 -6.70 28.98
C TYR D 102 -20.44 -8.01 29.74
N GLN D 103 -20.78 -9.11 29.05
CA GLN D 103 -20.65 -10.45 29.59
C GLN D 103 -19.25 -10.97 29.35
N LYS D 104 -18.95 -12.10 29.98
CA LYS D 104 -17.64 -12.71 29.89
C LYS D 104 -17.36 -13.22 28.47
N PRO D 105 -16.16 -12.90 27.94
CA PRO D 105 -15.74 -13.48 26.66
C PRO D 105 -15.87 -15.01 26.63
N ASN D 106 -16.38 -15.49 25.48
CA ASN D 106 -16.62 -16.91 25.21
C ASN D 106 -17.73 -17.56 26.00
N SER D 107 -18.54 -16.75 26.68
CA SER D 107 -19.77 -17.23 27.27
C SER D 107 -20.70 -17.65 26.11
N GLN D 108 -21.62 -18.56 26.41
CA GLN D 108 -22.50 -19.09 25.36
C GLN D 108 -23.94 -18.81 25.72
N TYR D 109 -24.77 -18.83 24.67
CA TYR D 109 -26.16 -18.40 24.72
C TYR D 109 -26.97 -19.22 23.74
N ALA D 110 -28.22 -19.48 24.08
CA ALA D 110 -29.16 -20.12 23.12
C ALA D 110 -29.26 -19.23 21.89
N ALA D 111 -29.35 -19.84 20.71
CA ALA D 111 -29.35 -19.13 19.43
C ALA D 111 -30.51 -18.14 19.35
N LEU D 112 -31.68 -18.57 19.80
CA LEU D 112 -32.88 -17.72 19.78
C LEU D 112 -32.71 -16.48 20.66
N GLU D 113 -32.10 -16.64 21.83
CA GLU D 113 -31.86 -15.53 22.74
C GLU D 113 -30.99 -14.47 22.05
N VAL D 114 -30.01 -14.95 21.30
CA VAL D 114 -29.07 -14.08 20.59
C VAL D 114 -29.82 -13.36 19.47
N ALA D 115 -30.60 -14.10 18.68
CA ALA D 115 -31.36 -13.52 17.61
C ALA D 115 -32.33 -12.46 18.16
N GLU D 116 -32.91 -12.72 19.32
CA GLU D 116 -33.85 -11.78 19.92
C GLU D 116 -33.16 -10.47 20.29
N LEU D 117 -32.02 -10.57 20.97
CA LEU D 117 -31.30 -9.38 21.42
C LEU D 117 -30.86 -8.53 20.22
N MET D 118 -30.49 -9.20 19.13
CA MET D 118 -30.16 -8.54 17.88
C MET D 118 -31.24 -7.55 17.44
N ILE D 119 -32.48 -7.94 17.65
CA ILE D 119 -33.63 -7.12 17.23
C ILE D 119 -34.19 -6.20 18.32
N THR D 120 -34.48 -6.74 19.50
CA THR D 120 -35.20 -6.00 20.56
C THR D 120 -34.42 -4.77 21.00
N ILE D 121 -33.10 -4.97 21.24
CA ILE D 121 -32.24 -3.87 21.67
C ILE D 121 -31.10 -3.57 20.65
N SER D 122 -31.20 -4.15 19.44
CA SER D 122 -30.31 -3.84 18.34
C SER D 122 -28.85 -4.29 18.68
N ASP D 123 -28.70 -5.37 19.48
CA ASP D 123 -27.40 -5.79 20.02
C ASP D 123 -26.39 -6.12 18.89
N ASN D 124 -25.32 -5.35 18.82
CA ASN D 124 -24.38 -5.51 17.70
C ASN D 124 -23.54 -6.77 17.78
N THR D 125 -23.10 -7.09 18.99
CA THR D 125 -22.44 -8.36 19.21
C THR D 125 -23.36 -9.52 18.78
N ALA D 126 -24.62 -9.46 19.20
CA ALA D 126 -25.56 -10.52 18.90
C ALA D 126 -25.64 -10.67 17.39
N THR D 127 -25.73 -9.54 16.71
CA THR D 127 -25.82 -9.53 15.25
C THR D 127 -24.63 -10.23 14.60
N ASN D 128 -23.43 -9.89 15.04
CA ASN D 128 -22.23 -10.50 14.49
C ASN D 128 -22.23 -12.01 14.73
N MET D 129 -22.75 -12.41 15.89
CA MET D 129 -22.88 -13.82 16.22
C MET D 129 -23.81 -14.57 15.27
N ILE D 130 -24.94 -13.94 14.91
CA ILE D 130 -25.90 -14.53 13.97
C ILE D 130 -25.34 -14.58 12.55
N ILE D 131 -24.73 -13.49 12.08
CA ILE D 131 -24.11 -13.46 10.76
C ILE D 131 -23.04 -14.55 10.62
N ASP D 132 -22.20 -14.67 11.65
CA ASP D 132 -21.18 -15.70 11.67
C ASP D 132 -21.79 -17.10 11.59
N ARG D 133 -22.81 -17.35 12.42
CA ARG D 133 -23.45 -18.66 12.46
C ARG D 133 -24.15 -19.02 11.14
N LEU D 134 -24.69 -18.01 10.47
CA LEU D 134 -25.38 -18.25 9.20
C LEU D 134 -24.45 -18.29 7.99
N GLY D 135 -23.15 -18.32 8.23
CA GLY D 135 -22.16 -18.57 7.17
C GLY D 135 -21.47 -17.36 6.63
N GLY D 136 -21.68 -16.21 7.27
CA GLY D 136 -21.02 -14.99 6.90
C GLY D 136 -21.78 -14.08 5.95
N ALA D 137 -21.22 -12.90 5.74
CA ALA D 137 -21.88 -11.85 4.96
C ALA D 137 -22.15 -12.28 3.53
N ALA D 138 -21.15 -12.85 2.87
CA ALA D 138 -21.30 -13.27 1.48
C ALA D 138 -22.48 -14.24 1.31
N GLU D 139 -22.61 -15.20 2.22
CA GLU D 139 -23.69 -16.19 2.19
C GLU D 139 -25.07 -15.50 2.34
N LEU D 140 -25.22 -14.64 3.36
CA LEU D 140 -26.43 -13.85 3.50
C LEU D 140 -26.70 -12.93 2.31
N ASN D 141 -25.64 -12.36 1.73
CA ASN D 141 -25.81 -11.50 0.58
C ASN D 141 -26.44 -12.24 -0.61
N GLN D 142 -25.99 -13.46 -0.86
CA GLN D 142 -26.61 -14.28 -1.91
C GLN D 142 -28.08 -14.57 -1.62
N GLN D 143 -28.38 -14.91 -0.37
CA GLN D 143 -29.77 -15.16 0.04
C GLN D 143 -30.66 -13.92 -0.17
N PHE D 144 -30.15 -12.76 0.23
CA PHE D 144 -30.85 -11.51 -0.06
C PHE D 144 -31.17 -11.36 -1.53
N GLN D 145 -30.19 -11.61 -2.39
CA GLN D 145 -30.41 -11.54 -3.86
C GLN D 145 -31.51 -12.51 -4.31
N GLU D 146 -31.46 -13.73 -3.79
CA GLU D 146 -32.43 -14.78 -4.13
C GLU D 146 -33.87 -14.45 -3.71
N TRP D 147 -34.03 -13.68 -2.64
CA TRP D 147 -35.33 -13.16 -2.21
C TRP D 147 -35.80 -11.99 -3.04
N GLY D 148 -34.94 -11.50 -3.92
CA GLY D 148 -35.26 -10.37 -4.79
C GLY D 148 -34.88 -9.01 -4.22
N LEU D 149 -34.09 -8.99 -3.15
CA LEU D 149 -33.64 -7.73 -2.53
C LEU D 149 -32.41 -7.12 -3.25
N GLU D 150 -32.71 -6.31 -4.26
CA GLU D 150 -31.73 -5.79 -5.19
C GLU D 150 -30.54 -5.05 -4.56
N ASN D 151 -30.77 -4.39 -3.44
CA ASN D 151 -29.80 -3.45 -2.90
C ASN D 151 -29.42 -3.66 -1.45
N THR D 152 -29.66 -4.87 -0.96
CA THR D 152 -29.48 -5.16 0.46
C THR D 152 -28.22 -6.00 0.61
N VAL D 153 -27.17 -5.38 1.15
CA VAL D 153 -25.80 -5.92 1.16
C VAL D 153 -25.07 -5.68 2.47
N ILE D 154 -24.60 -6.77 3.09
CA ILE D 154 -23.67 -6.68 4.23
C ILE D 154 -22.22 -6.62 3.70
N ASN D 155 -21.57 -5.50 3.97
CA ASN D 155 -20.20 -5.25 3.63
C ASN D 155 -19.27 -5.28 4.85
N ASN D 156 -19.78 -4.92 6.03
CA ASN D 156 -18.98 -4.88 7.25
C ASN D 156 -19.75 -5.32 8.50
N PRO D 157 -19.04 -5.83 9.52
CA PRO D 157 -19.68 -6.18 10.77
C PRO D 157 -20.30 -4.98 11.44
N GLU D 158 -21.19 -5.24 12.37
CA GLU D 158 -21.86 -4.21 13.13
C GLU D 158 -20.92 -3.75 14.24
N PRO D 159 -21.06 -2.49 14.69
CA PRO D 159 -22.09 -1.50 14.34
C PRO D 159 -22.05 -0.86 12.94
N ASP D 160 -21.00 -1.05 12.15
CA ASP D 160 -20.90 -0.45 10.80
C ASP D 160 -21.31 1.04 10.85
N MET D 161 -20.67 1.81 11.71
CA MET D 161 -21.04 3.22 11.87
C MET D 161 -20.79 4.10 10.62
N LYS D 162 -19.90 3.66 9.73
CA LYS D 162 -19.64 4.31 8.42
C LYS D 162 -20.75 4.10 7.37
N GLY D 163 -21.73 3.26 7.68
CA GLY D 163 -22.87 3.04 6.79
C GLY D 163 -22.56 2.35 5.48
N THR D 164 -21.62 1.40 5.50
CA THR D 164 -21.25 0.63 4.28
C THR D 164 -22.29 -0.46 3.96
N ASN D 165 -23.04 -0.93 4.96
CA ASN D 165 -24.11 -1.88 4.71
C ASN D 165 -25.29 -1.15 4.08
N THR D 166 -25.89 -1.74 3.05
CA THR D 166 -26.95 -1.06 2.27
C THR D 166 -28.29 -1.82 2.23
N THR D 167 -29.35 -1.07 1.94
CA THR D 167 -30.68 -1.60 1.65
C THR D 167 -31.45 -0.52 0.90
N SER D 168 -32.71 -0.78 0.60
CA SER D 168 -33.64 0.19 0.09
C SER D 168 -35.00 0.02 0.79
N PRO D 169 -35.82 1.11 0.85
CA PRO D 169 -37.14 0.98 1.45
C PRO D 169 -37.94 -0.12 0.75
N ARG D 170 -37.88 -0.19 -0.58
CA ARG D 170 -38.60 -1.24 -1.31
C ARG D 170 -38.14 -2.64 -0.92
N ASP D 171 -36.83 -2.85 -0.79
CA ASP D 171 -36.31 -4.15 -0.41
C ASP D 171 -36.89 -4.55 0.92
N LEU D 172 -36.80 -3.67 1.91
CA LEU D 172 -37.26 -4.04 3.25
C LEU D 172 -38.77 -4.32 3.28
N ALA D 173 -39.56 -3.40 2.74
CA ALA D 173 -41.02 -3.55 2.71
C ALA D 173 -41.43 -4.80 1.91
N THR D 174 -40.76 -5.08 0.80
CA THR D 174 -41.15 -6.20 -0.05
C THR D 174 -40.83 -7.55 0.63
N LEU D 175 -39.73 -7.60 1.36
CA LEU D 175 -39.40 -8.79 2.14
C LEU D 175 -40.52 -9.03 3.15
N MET D 176 -40.95 -7.98 3.81
CA MET D 176 -42.00 -8.15 4.81
C MET D 176 -43.30 -8.54 4.16
N LEU D 177 -43.57 -7.98 2.99
CA LEU D 177 -44.75 -8.31 2.20
C LEU D 177 -44.82 -9.80 1.87
N LYS D 178 -43.72 -10.37 1.40
CA LYS D 178 -43.69 -11.80 1.05
C LYS D 178 -43.96 -12.63 2.29
N ILE D 179 -43.35 -12.25 3.41
CA ILE D 179 -43.58 -12.96 4.67
C ILE D 179 -45.06 -12.90 5.04
N GLY D 180 -45.66 -11.72 4.91
CA GLY D 180 -47.09 -11.50 5.29
C GLY D 180 -48.04 -12.28 4.42
N GLN D 181 -47.63 -12.53 3.19
CA GLN D 181 -48.39 -13.32 2.23
C GLN D 181 -48.19 -14.82 2.45
N GLY D 182 -47.30 -15.21 3.37
CA GLY D 182 -47.06 -16.59 3.72
C GLY D 182 -45.85 -17.23 3.08
N GLU D 183 -45.03 -16.43 2.42
CA GLU D 183 -43.84 -16.90 1.73
C GLU D 183 -42.62 -16.82 2.64
N ILE D 184 -41.57 -17.50 2.21
CA ILE D 184 -40.22 -17.49 2.77
C ILE D 184 -40.06 -18.28 4.08
N LEU D 185 -40.86 -17.89 5.07
CA LEU D 185 -40.87 -18.52 6.37
C LEU D 185 -42.09 -19.39 6.60
N SER D 186 -41.90 -20.45 7.41
CA SER D 186 -42.97 -21.29 7.90
C SER D 186 -43.93 -20.41 8.72
N PRO D 187 -45.16 -20.86 8.87
CA PRO D 187 -46.09 -20.10 9.76
C PRO D 187 -45.52 -19.86 11.17
N ARG D 188 -44.97 -20.92 11.77
CA ARG D 188 -44.33 -20.84 13.09
C ARG D 188 -43.24 -19.79 13.20
N SER D 189 -42.39 -19.75 12.19
CA SER D 189 -41.33 -18.74 12.14
C SER D 189 -41.84 -17.34 11.85
N ARG D 190 -42.87 -17.23 11.03
CA ARG D 190 -43.45 -15.90 10.80
C ARG D 190 -43.95 -15.35 12.14
N ASP D 191 -44.65 -16.21 12.89
CA ASP D 191 -45.24 -15.83 14.18
C ASP D 191 -44.14 -15.32 15.10
N ARG D 192 -43.05 -16.06 15.18
CA ARG D 192 -42.00 -15.73 16.15
C ARG D 192 -41.23 -14.51 15.72
N LEU D 193 -40.96 -14.36 14.42
CA LEU D 193 -40.34 -13.19 13.86
C LEU D 193 -41.14 -11.92 14.17
N LEU D 194 -42.44 -11.96 13.90
CA LEU D 194 -43.27 -10.82 14.16
C LEU D 194 -43.38 -10.52 15.62
N ASP D 195 -43.51 -11.55 16.46
CA ASP D 195 -43.58 -11.35 17.90
C ASP D 195 -42.33 -10.61 18.40
N ILE D 196 -41.15 -11.08 18.00
CA ILE D 196 -39.88 -10.47 18.39
C ILE D 196 -39.86 -9.02 17.94
N MET D 197 -40.29 -8.78 16.70
CA MET D 197 -40.22 -7.46 16.10
C MET D 197 -41.28 -6.45 16.63
N ARG D 198 -42.23 -6.98 17.37
CA ARG D 198 -43.21 -6.16 18.11
C ARG D 198 -42.70 -5.78 19.51
N ARG D 199 -41.53 -6.31 19.88
CA ARG D 199 -40.96 -6.15 21.24
C ARG D 199 -39.66 -5.36 21.25
N THR D 200 -39.44 -4.53 20.25
CA THR D 200 -38.24 -3.68 20.24
C THR D 200 -38.45 -2.49 21.16
N VAL D 201 -37.35 -1.88 21.58
CA VAL D 201 -37.41 -0.76 22.53
C VAL D 201 -37.23 0.61 21.89
N THR D 202 -37.23 0.69 20.57
CA THR D 202 -37.13 1.97 19.86
C THR D 202 -38.30 2.16 18.91
N ASN D 203 -39.27 2.93 19.36
CA ASN D 203 -40.58 3.02 18.73
C ASN D 203 -40.93 4.47 18.39
N THR D 204 -39.90 5.27 18.14
CA THR D 204 -40.09 6.69 17.93
C THR D 204 -40.35 7.10 16.49
N LEU D 205 -40.30 6.15 15.53
CA LEU D 205 -40.39 6.48 14.13
C LEU D 205 -41.75 6.04 13.55
N LEU D 206 -41.81 4.93 12.81
CA LEU D 206 -43.08 4.53 12.19
C LEU D 206 -44.23 4.38 13.20
N PRO D 207 -43.95 3.74 14.35
CA PRO D 207 -45.03 3.52 15.32
C PRO D 207 -45.66 4.80 15.86
N ALA D 208 -44.89 5.88 15.91
CA ALA D 208 -45.39 7.12 16.48
C ALA D 208 -46.46 7.78 15.62
N GLY D 209 -46.63 7.30 14.40
CA GLY D 209 -47.64 7.82 13.51
C GLY D 209 -48.89 6.96 13.39
N LEU D 210 -48.95 5.86 14.16
CA LEU D 210 -50.10 4.96 14.05
C LEU D 210 -51.19 5.33 15.03
N GLY D 211 -52.42 5.00 14.66
CA GLY D 211 -53.58 5.28 15.51
C GLY D 211 -53.74 4.26 16.62
N LYS D 212 -54.64 4.58 17.55
CA LYS D 212 -54.90 3.74 18.71
C LYS D 212 -55.32 2.34 18.30
N GLY D 213 -54.71 1.34 18.92
CA GLY D 213 -55.08 -0.06 18.66
C GLY D 213 -54.25 -0.77 17.62
N ALA D 214 -53.47 -0.01 16.84
CA ALA D 214 -52.61 -0.57 15.82
C ALA D 214 -51.38 -1.17 16.49
N THR D 215 -50.84 -2.19 15.86
CA THR D 215 -49.59 -2.79 16.31
C THR D 215 -48.64 -2.75 15.10
N ILE D 216 -47.33 -2.88 15.37
CA ILE D 216 -46.34 -2.85 14.34
C ILE D 216 -45.14 -3.71 14.73
N ALA D 217 -44.78 -4.61 13.85
CA ALA D 217 -43.56 -5.41 13.92
C ALA D 217 -42.54 -4.68 13.05
N HIS D 218 -41.44 -4.24 13.65
CA HIS D 218 -40.54 -3.40 12.87
C HIS D 218 -39.11 -3.37 13.45
N LYS D 219 -38.19 -2.74 12.70
CA LYS D 219 -36.83 -2.58 13.20
C LYS D 219 -36.26 -1.26 12.73
N THR D 220 -35.82 -0.49 13.70
CA THR D 220 -35.32 0.87 13.45
C THR D 220 -33.83 0.75 13.10
N GLY D 221 -33.32 1.75 12.39
CA GLY D 221 -31.88 1.96 12.30
C GLY D 221 -31.52 3.42 12.45
N ASP D 222 -30.43 3.70 13.13
CA ASP D 222 -29.93 5.07 13.19
C ASP D 222 -28.41 5.07 13.33
N ILE D 223 -27.70 5.66 12.37
CA ILE D 223 -26.24 5.81 12.46
C ILE D 223 -25.84 7.27 12.47
N GLY D 224 -26.80 8.15 12.80
CA GLY D 224 -26.52 9.59 12.89
C GLY D 224 -26.89 10.30 11.60
N ILE D 225 -26.20 9.97 10.52
CA ILE D 225 -26.47 10.62 9.23
C ILE D 225 -27.54 9.89 8.41
N VAL D 226 -27.97 8.71 8.88
CA VAL D 226 -29.12 8.03 8.29
C VAL D 226 -30.00 7.54 9.42
N VAL D 227 -31.29 7.74 9.26
CA VAL D 227 -32.28 7.18 10.18
C VAL D 227 -33.37 6.49 9.37
N GLY D 228 -33.88 5.36 9.89
CA GLY D 228 -34.95 4.68 9.19
C GLY D 228 -35.66 3.62 9.99
N ASP D 229 -36.66 3.01 9.36
CA ASP D 229 -37.53 2.07 10.08
C ASP D 229 -38.32 1.31 9.01
N ALA D 230 -38.56 0.02 9.26
CA ALA D 230 -39.34 -0.78 8.34
C ALA D 230 -40.13 -1.82 9.15
N GLY D 231 -41.36 -2.08 8.72
CA GLY D 231 -42.12 -3.10 9.36
C GLY D 231 -43.45 -3.45 8.76
N MET D 232 -44.20 -4.21 9.55
CA MET D 232 -45.56 -4.60 9.19
C MET D 232 -46.56 -4.09 10.21
N VAL D 233 -47.56 -3.35 9.77
CA VAL D 233 -48.61 -2.77 10.61
C VAL D 233 -49.92 -3.55 10.50
N ASP D 234 -50.48 -3.91 11.65
CA ASP D 234 -51.84 -4.41 11.74
C ASP D 234 -52.76 -3.34 12.32
N MET D 235 -53.74 -2.92 11.52
CA MET D 235 -54.73 -1.91 11.91
C MET D 235 -55.93 -2.58 12.60
N PRO D 236 -56.54 -1.87 13.56
CA PRO D 236 -57.71 -2.45 14.25
C PRO D 236 -58.89 -2.76 13.34
N ASN D 237 -58.94 -2.10 12.19
CA ASN D 237 -59.94 -2.45 11.14
C ASN D 237 -59.64 -3.77 10.41
N GLY D 238 -58.56 -4.47 10.79
CA GLY D 238 -58.24 -5.78 10.26
C GLY D 238 -57.24 -5.79 9.12
N GLN D 239 -56.91 -4.61 8.59
CA GLN D 239 -55.98 -4.49 7.47
C GLN D 239 -54.55 -4.59 7.95
N ARG D 240 -53.72 -5.05 7.04
CA ARG D 240 -52.31 -5.24 7.28
C ARG D 240 -51.54 -4.54 6.19
N TYR D 241 -50.54 -3.78 6.56
CA TYR D 241 -49.68 -3.17 5.52
C TYR D 241 -48.21 -3.19 5.88
N VAL D 242 -47.38 -3.09 4.85
CA VAL D 242 -45.94 -2.96 5.05
C VAL D 242 -45.52 -1.53 4.78
N ALA D 243 -44.43 -1.16 5.45
CA ALA D 243 -43.94 0.21 5.54
C ALA D 243 -42.42 0.19 5.69
N ALA D 244 -41.75 1.04 4.93
CA ALA D 244 -40.32 1.24 5.14
C ALA D 244 -39.99 2.65 4.72
N MET D 245 -39.15 3.28 5.53
CA MET D 245 -38.72 4.62 5.20
C MET D 245 -37.30 4.87 5.69
N MET D 246 -36.48 5.50 4.85
CA MET D 246 -35.09 5.83 5.20
C MET D 246 -34.82 7.29 4.89
N VAL D 247 -34.04 7.93 5.75
CA VAL D 247 -33.78 9.36 5.59
C VAL D 247 -32.30 9.67 5.85
N LYS D 248 -31.61 10.21 4.84
CA LYS D 248 -30.28 10.80 5.05
C LYS D 248 -30.45 12.23 5.57
N ARG D 249 -29.62 12.58 6.54
CA ARG D 249 -29.80 13.80 7.29
C ARG D 249 -28.48 14.29 7.85
N PRO D 250 -28.42 15.58 8.18
CA PRO D 250 -27.34 16.10 9.03
C PRO D 250 -27.30 15.32 10.36
N TYR D 251 -26.10 15.13 10.91
CA TYR D 251 -25.90 14.23 12.04
C TYR D 251 -26.95 14.47 13.14
N ASN D 252 -27.78 13.45 13.42
CA ASN D 252 -28.83 13.48 14.46
C ASN D 252 -29.91 14.55 14.29
N ASP D 253 -30.10 15.06 13.08
CA ASP D 253 -31.07 16.13 12.90
C ASP D 253 -32.45 15.60 13.26
N PRO D 254 -33.15 16.23 14.24
CA PRO D 254 -34.47 15.69 14.63
C PRO D 254 -35.51 15.84 13.52
N ARG D 255 -35.23 16.69 12.54
CA ARG D 255 -36.13 16.81 11.41
C ARG D 255 -36.26 15.50 10.64
N GLY D 256 -35.21 14.67 10.63
CA GLY D 256 -35.27 13.41 9.86
C GLY D 256 -36.22 12.43 10.48
N SER D 257 -36.15 12.34 11.80
CA SER D 257 -37.02 11.45 12.53
C SER D 257 -38.50 11.96 12.53
N GLU D 258 -38.70 13.28 12.61
CA GLU D 258 -40.03 13.87 12.51
C GLU D 258 -40.69 13.61 11.16
N LEU D 259 -39.89 13.65 10.09
CA LEU D 259 -40.38 13.37 8.74
C LEU D 259 -40.93 11.95 8.61
N ILE D 260 -40.24 10.98 9.19
CA ILE D 260 -40.74 9.61 9.19
C ILE D 260 -42.07 9.53 9.97
N ARG D 261 -42.12 10.14 11.14
CA ARG D 261 -43.39 10.19 11.91
C ARG D 261 -44.58 10.77 11.11
N GLN D 262 -44.33 11.86 10.39
CA GLN D 262 -45.40 12.55 9.69
C GLN D 262 -45.88 11.71 8.49
N VAL D 263 -44.95 11.07 7.78
CA VAL D 263 -45.34 10.25 6.63
C VAL D 263 -46.07 9.01 7.15
N SER D 264 -45.56 8.42 8.22
CA SER D 264 -46.26 7.31 8.84
C SER D 264 -47.72 7.66 9.17
N ARG D 265 -47.92 8.82 9.76
CA ARG D 265 -49.25 9.27 10.10
C ARG D 265 -50.11 9.51 8.86
N MET D 266 -49.56 10.17 7.85
CA MET D 266 -50.32 10.43 6.63
C MET D 266 -50.84 9.14 5.97
N VAL D 267 -49.97 8.14 5.92
CA VAL D 267 -50.33 6.85 5.32
C VAL D 267 -51.35 6.12 6.19
N TYR D 268 -51.11 6.07 7.50
CA TYR D 268 -52.08 5.42 8.37
C TYR D 268 -53.49 6.02 8.17
N GLN D 269 -53.55 7.33 8.19
CA GLN D 269 -54.83 8.02 8.12
C GLN D 269 -55.52 7.81 6.77
N ALA D 270 -54.73 7.74 5.69
CA ALA D 270 -55.27 7.47 4.36
C ALA D 270 -55.88 6.07 4.29
N PHE D 271 -55.18 5.09 4.87
CA PHE D 271 -55.72 3.74 4.87
C PHE D 271 -56.97 3.59 5.74
N GLU D 272 -57.08 4.32 6.84
CA GLU D 272 -58.24 4.12 7.71
C GLU D 272 -59.47 4.84 7.19
N LYS D 273 -59.29 5.84 6.34
CA LYS D 273 -60.42 6.56 5.74
C LYS D 273 -60.82 5.96 4.37
N LEU D 274 -59.83 5.43 3.64
CA LEU D 274 -60.09 4.63 2.43
C LEU D 274 -60.98 3.44 2.74
N SER D 275 -60.82 2.91 3.95
CA SER D 275 -61.57 1.73 4.40
C SER D 275 -63.04 2.07 4.63
O8 PNM E . 16.70 1.80 6.71
C7 PNM E . 16.76 2.88 6.08
N4 PNM E . 18.63 4.77 6.89
C3 PNM E . 19.07 4.42 8.23
C11 PNM E . 20.49 4.04 8.03
O13 PNM E . 21.05 4.52 7.01
O12 PNM E . 21.00 3.27 8.88
C2 PNM E . 18.97 5.73 9.07
C10 PNM E . 19.93 6.83 8.61
C9 PNM E . 19.09 5.51 10.59
S1 PNM E . 17.28 6.20 8.57
C5 PNM E . 17.27 5.33 6.94
C6 PNM E . 16.23 4.21 6.70
N14 PNM E . 15.44 3.96 7.91
C15 PNM E . 14.20 4.43 7.96
O16 PNM E . 13.72 5.04 7.00
C17 PNM E . 13.42 4.13 9.27
C18 PNM E . 14.13 4.42 10.62
C19 PNM E . 15.23 5.30 10.74
C20 PNM E . 15.84 5.52 11.97
C21 PNM E . 15.38 4.87 13.13
C22 PNM E . 14.29 4.00 13.03
C23 PNM E . 13.67 3.78 11.78
C1 GOL F . 43.70 -5.39 -10.06
O1 GOL F . 44.38 -6.58 -10.45
C2 GOL F . 44.50 -4.11 -10.38
O2 GOL F . 44.05 -3.02 -9.56
C3 GOL F . 44.42 -3.78 -11.88
O3 GOL F . 45.70 -3.64 -12.48
O8 PNM G . 14.19 -9.07 -27.90
C7 PNM G . 15.44 -9.08 -27.78
N4 PNM G . 16.30 -9.68 -25.11
C3 PNM G . 15.11 -9.48 -24.27
C11 PNM G . 14.80 -10.81 -23.67
O13 PNM G . 15.78 -11.62 -23.62
O12 PNM G . 13.64 -11.01 -23.27
C2 PNM G . 15.61 -8.54 -23.16
C10 PNM G . 16.74 -9.12 -22.30
C9 PNM G . 14.48 -7.93 -22.32
S1 PNM G . 16.37 -7.28 -24.22
C5 PNM G . 16.79 -8.38 -25.63
C6 PNM G . 16.19 -7.96 -27.02
N14 PNM G . 15.37 -6.77 -26.79
C15 PNM G . 15.81 -5.55 -27.02
O16 PNM G . 16.93 -5.30 -27.49
C17 PNM G . 14.81 -4.45 -26.61
C18 PNM G . 14.71 -4.49 -25.06
C19 PNM G . 15.82 -4.14 -24.26
C20 PNM G . 15.75 -4.20 -22.86
C21 PNM G . 14.55 -4.61 -22.24
C22 PNM G . 13.45 -4.97 -23.02
C23 PNM G . 13.54 -4.92 -24.42
O8 PNM H . 3.94 15.48 16.99
C7 PNM H . 4.73 16.26 16.38
N4 PNM H . 3.17 15.97 14.14
C3 PNM H . 2.43 15.94 12.87
C11 PNM H . 2.45 17.36 12.31
O13 PNM H . 3.08 18.24 12.93
O12 PNM H . 1.80 17.53 11.26
C2 PNM H . 3.08 14.87 11.89
C10 PNM H . 3.22 15.33 10.43
C9 PNM H . 2.34 13.54 11.88
S1 PNM H . 4.76 14.67 12.57
C5 PNM H . 4.62 16.01 13.83
C6 PNM H . 5.44 15.77 15.11
N14 PNM H . 5.73 14.34 15.30
C15 PNM H . 6.98 13.91 15.46
O16 PNM H . 7.95 14.68 15.48
C17 PNM H . 7.15 12.36 15.62
C18 PNM H . 6.08 11.43 14.91
C19 PNM H . 5.36 11.82 13.78
C20 PNM H . 4.43 10.99 13.17
C21 PNM H . 4.22 9.72 13.68
C22 PNM H . 4.92 9.28 14.80
C23 PNM H . 5.85 10.13 15.41
O8 PNM I . -28.22 1.37 13.59
C7 PNM I . -28.14 0.40 14.39
N4 PNM I . -29.73 0.49 16.61
C3 PNM I . -30.17 1.88 16.48
C11 PNM I . -31.64 1.82 16.23
O13 PNM I . -32.21 0.75 16.54
O12 PNM I . -32.18 2.83 15.78
C2 PNM I . -29.96 2.47 17.89
C10 PNM I . -30.86 1.85 18.98
C9 PNM I . -30.12 4.00 17.90
S1 PNM I . -28.24 1.87 18.19
C5 PNM I . -28.30 0.47 16.99
C6 PNM I . -27.40 0.67 15.74
N14 PNM I . -26.83 2.04 15.72
C15 PNM I . -25.55 2.28 15.99
O16 PNM I . -24.75 1.37 16.22
C17 PNM I . -25.05 3.77 15.93
C18 PNM I . -25.87 5.02 16.37
C19 PNM I . -25.35 6.29 16.02
C20 PNM I . -25.99 7.47 16.37
C21 PNM I . -27.20 7.41 17.08
C22 PNM I . -27.74 6.17 17.44
C23 PNM I . -27.07 4.98 17.08
#